data_5AIV
#
_entry.id   5AIV
#
_cell.length_a   124.020
_cell.length_b   124.020
_cell.length_c   106.530
_cell.angle_alpha   90.00
_cell.angle_beta   90.00
_cell.angle_gamma   90.00
#
_symmetry.space_group_name_H-M   'I 41'
#
loop_
_entity.id
_entity.type
_entity.pdbx_description
1 polymer 'HEMATOPOIETIC PROSTAGLANDIN D SYNTHASE'
2 non-polymer 3-(1H-indol-4-yl)-N-(3-methoxypropyl)-1,2,4-oxadiazole-5-carboxamide
3 non-polymer GLUTATHIONE
4 non-polymer 'MAGNESIUM ION'
5 water water
#
_entity_poly.entity_id   1
_entity_poly.type   'polypeptide(L)'
_entity_poly.pdbx_seq_one_letter_code
;HPNYKLTYFNMRGRAEIIRYIFAYLDIQYEDHRIEQADWPEIKSTLPFGKIPILEVDGLTLHQSLAIARYLTENTDLAGN
TEMEQCHVDAIVDTLDDFMSCFPWAEKKQDVKEQMFNELLTYNAPHLMQDLDTYLGGREWLIGNSVTWADFYWEICSTTL
LVFKPDLLDNHPRLVTLRKKVQAIPAVANWIKRRPQTKL
;
_entity_poly.pdbx_strand_id   A,B,C,D
#
# COMPACT_ATOMS: atom_id res chain seq x y z
N PRO A 2 4.97 16.93 -6.40
CA PRO A 2 3.83 16.80 -7.32
C PRO A 2 3.32 18.16 -7.76
N ASN A 3 2.85 18.23 -9.00
CA ASN A 3 2.30 19.46 -9.56
C ASN A 3 0.86 19.70 -9.10
N TYR A 4 0.72 20.37 -7.95
CA TYR A 4 -0.59 20.67 -7.40
C TYR A 4 -1.13 21.99 -7.93
N LYS A 5 -2.39 21.99 -8.38
CA LYS A 5 -3.07 23.22 -8.75
C LYS A 5 -4.48 23.29 -8.15
N LEU A 6 -4.68 24.29 -7.28
CA LEU A 6 -5.97 24.52 -6.63
C LEU A 6 -6.76 25.60 -7.36
N THR A 7 -8.02 25.31 -7.70
CA THR A 7 -8.91 26.28 -8.34
C THR A 7 -10.13 26.59 -7.46
N TYR A 8 -10.35 27.87 -7.21
CA TYR A 8 -11.48 28.35 -6.41
C TYR A 8 -11.71 29.83 -6.75
N PHE A 9 -12.73 30.43 -6.15
CA PHE A 9 -12.93 31.87 -6.20
C PHE A 9 -11.84 32.60 -5.44
N ASN A 10 -11.68 33.90 -5.73
CA ASN A 10 -10.81 34.77 -4.93
C ASN A 10 -11.48 35.02 -3.58
N MET A 11 -11.30 34.06 -2.67
CA MET A 11 -11.86 34.13 -1.33
C MET A 11 -11.34 32.94 -0.54
N ARG A 12 -11.48 32.99 0.79
CA ARG A 12 -11.09 31.88 1.64
C ARG A 12 -12.04 30.71 1.41
N GLY A 13 -13.29 30.90 1.79
CA GLY A 13 -14.37 29.94 1.52
C GLY A 13 -14.06 28.49 1.83
N ARG A 14 -14.47 27.61 0.92
CA ARG A 14 -14.30 26.17 1.08
C ARG A 14 -12.87 25.70 0.78
N ALA A 15 -12.07 26.55 0.17
CA ALA A 15 -10.71 26.18 -0.22
C ALA A 15 -9.70 26.41 0.88
N GLU A 16 -10.02 27.31 1.82
CA GLU A 16 -9.06 27.75 2.83
C GLU A 16 -8.43 26.61 3.64
N ILE A 17 -9.24 25.63 4.04
CA ILE A 17 -8.73 24.44 4.76
C ILE A 17 -7.58 23.76 4.01
N ILE A 18 -7.74 23.61 2.70
CA ILE A 18 -6.73 23.01 1.84
C ILE A 18 -5.47 23.90 1.84
N ARG A 19 -5.67 25.21 1.75
CA ARG A 19 -4.56 26.17 1.76
C ARG A 19 -3.74 26.15 3.07
N TYR A 20 -4.41 25.97 4.21
CA TYR A 20 -3.75 25.85 5.52
C TYR A 20 -2.89 24.60 5.59
N ILE A 21 -3.43 23.50 5.08
CA ILE A 21 -2.75 22.20 5.07
C ILE A 21 -1.50 22.26 4.20
N PHE A 22 -1.61 22.82 3.00
CA PHE A 22 -0.47 23.01 2.11
C PHE A 22 0.63 23.81 2.82
N ALA A 23 0.24 24.94 3.41
CA ALA A 23 1.13 25.82 4.17
C ALA A 23 1.84 25.11 5.33
N TYR A 24 1.05 24.42 6.17
CA TYR A 24 1.55 23.75 7.36
C TYR A 24 2.46 22.57 7.05
N LEU A 25 2.10 21.79 6.03
CA LEU A 25 2.92 20.65 5.63
C LEU A 25 4.04 21.06 4.66
N ASP A 26 4.16 22.36 4.41
CA ASP A 26 5.15 22.91 3.46
C ASP A 26 5.13 22.16 2.11
N ILE A 27 3.95 22.11 1.51
CA ILE A 27 3.76 21.51 0.19
C ILE A 27 3.45 22.62 -0.80
N GLN A 28 4.28 22.71 -1.84
CA GLN A 28 4.14 23.73 -2.89
C GLN A 28 2.96 23.43 -3.80
N TYR A 29 2.23 24.47 -4.17
CA TYR A 29 1.06 24.36 -5.04
C TYR A 29 0.79 25.70 -5.73
N GLU A 30 0.04 25.67 -6.84
CA GLU A 30 -0.42 26.91 -7.48
C GLU A 30 -1.82 27.27 -6.99
N ASP A 31 -1.95 28.46 -6.41
CA ASP A 31 -3.20 28.92 -5.84
C ASP A 31 -4.00 29.73 -6.87
N HIS A 32 -4.64 29.03 -7.79
CA HIS A 32 -5.43 29.68 -8.85
C HIS A 32 -6.80 30.17 -8.37
N ARG A 33 -7.04 31.46 -8.56
CA ARG A 33 -8.29 32.10 -8.17
C ARG A 33 -8.99 32.70 -9.39
N ILE A 34 -10.30 32.52 -9.47
CA ILE A 34 -11.09 32.98 -10.60
C ILE A 34 -12.13 34.03 -10.21
N GLU A 35 -12.40 34.93 -11.14
CA GLU A 35 -13.53 35.84 -11.03
C GLU A 35 -14.75 35.11 -11.59
N GLN A 36 -15.94 35.68 -11.44
CA GLN A 36 -17.15 35.14 -12.06
C GLN A 36 -17.02 35.03 -13.59
N ALA A 37 -16.27 35.97 -14.19
CA ALA A 37 -15.99 36.00 -15.62
C ALA A 37 -15.71 34.60 -16.20
N ASP A 38 -14.79 33.88 -15.57
CA ASP A 38 -14.38 32.57 -16.05
C ASP A 38 -15.08 31.42 -15.32
N TRP A 39 -16.20 31.70 -14.66
CA TRP A 39 -16.89 30.65 -13.89
C TRP A 39 -17.83 29.75 -14.73
N PRO A 40 -18.97 30.30 -15.24
CA PRO A 40 -19.81 29.48 -16.12
C PRO A 40 -19.04 28.84 -17.29
N GLU A 41 -17.94 29.46 -17.71
CA GLU A 41 -17.01 28.87 -18.67
C GLU A 41 -16.45 27.56 -18.11
N ILE A 42 -15.75 27.67 -16.98
CA ILE A 42 -15.05 26.54 -16.35
C ILE A 42 -15.97 25.44 -15.80
N LYS A 43 -17.17 25.84 -15.38
CA LYS A 43 -18.15 24.93 -14.76
C LYS A 43 -18.52 23.72 -15.65
N SER A 44 -17.99 23.69 -16.87
CA SER A 44 -18.29 22.64 -17.84
C SER A 44 -17.37 21.41 -17.78
N THR A 45 -16.06 21.64 -17.79
CA THR A 45 -15.11 20.51 -17.78
C THR A 45 -15.02 19.86 -16.41
N LEU A 46 -15.70 20.46 -15.43
CA LEU A 46 -15.81 19.90 -14.09
C LEU A 46 -16.84 18.78 -14.11
N PRO A 47 -16.39 17.54 -13.81
CA PRO A 47 -17.27 16.37 -13.74
C PRO A 47 -18.45 16.54 -12.79
N PHE A 48 -18.31 17.41 -11.79
CA PHE A 48 -19.39 17.67 -10.84
C PHE A 48 -19.74 19.15 -10.67
N GLY A 49 -19.11 20.01 -11.48
CA GLY A 49 -19.48 21.42 -11.58
C GLY A 49 -19.42 22.25 -10.31
N LYS A 50 -18.50 21.90 -9.40
CA LYS A 50 -18.32 22.62 -8.15
C LYS A 50 -16.84 22.85 -7.83
N ILE A 51 -16.58 23.93 -7.09
CA ILE A 51 -15.23 24.20 -6.60
C ILE A 51 -15.22 24.26 -5.08
N PRO A 52 -14.06 24.00 -4.45
CA PRO A 52 -12.74 23.82 -5.06
C PRO A 52 -12.53 22.52 -5.81
N ILE A 53 -11.57 22.54 -6.73
CA ILE A 53 -11.01 21.32 -7.30
C ILE A 53 -9.49 21.36 -7.12
N LEU A 54 -8.88 20.20 -7.04
CA LEU A 54 -7.43 20.11 -7.01
C LEU A 54 -6.93 19.22 -8.15
N GLU A 55 -6.16 19.81 -9.05
CA GLU A 55 -5.53 19.03 -10.12
C GLU A 55 -4.14 18.56 -9.67
N VAL A 56 -3.93 17.25 -9.73
CA VAL A 56 -2.67 16.62 -9.38
C VAL A 56 -2.24 15.73 -10.52
N ASP A 57 -1.26 16.21 -11.29
CA ASP A 57 -0.70 15.46 -12.41
C ASP A 57 -1.79 14.86 -13.32
N GLY A 58 -2.64 15.72 -13.88
CA GLY A 58 -3.64 15.31 -14.85
C GLY A 58 -4.97 14.81 -14.30
N LEU A 59 -5.09 14.75 -12.99
CA LEU A 59 -6.31 14.30 -12.32
C LEU A 59 -7.00 15.47 -11.66
N THR A 60 -8.30 15.62 -11.90
CA THR A 60 -9.10 16.68 -11.28
C THR A 60 -9.88 16.14 -10.07
N LEU A 61 -9.36 16.41 -8.87
CA LEU A 61 -10.01 16.00 -7.62
C LEU A 61 -11.04 17.03 -7.19
N HIS A 62 -12.08 16.58 -6.49
CA HIS A 62 -13.11 17.47 -5.99
C HIS A 62 -13.49 17.15 -4.54
N GLN A 63 -14.39 17.96 -3.99
CA GLN A 63 -14.85 17.90 -2.61
C GLN A 63 -13.77 18.36 -1.63
N SER A 64 -13.97 19.56 -1.06
CA SER A 64 -12.93 20.24 -0.28
C SER A 64 -12.35 19.40 0.85
N LEU A 65 -13.22 18.69 1.56
CA LEU A 65 -12.80 17.92 2.73
C LEU A 65 -12.17 16.58 2.36
N ALA A 66 -12.65 15.98 1.28
CA ALA A 66 -12.00 14.80 0.70
C ALA A 66 -10.57 15.11 0.29
N ILE A 67 -10.36 16.28 -0.33
CA ILE A 67 -9.02 16.74 -0.71
C ILE A 67 -8.15 17.01 0.51
N ALA A 68 -8.71 17.74 1.49
CA ALA A 68 -8.02 18.07 2.73
C ALA A 68 -7.52 16.81 3.43
N ARG A 69 -8.40 15.84 3.61
CA ARG A 69 -8.07 14.58 4.30
C ARG A 69 -6.95 13.84 3.60
N TYR A 70 -7.02 13.80 2.27
CA TYR A 70 -6.01 13.17 1.45
C TYR A 70 -4.61 13.77 1.68
N LEU A 71 -4.54 15.09 1.77
CA LEU A 71 -3.26 15.77 1.99
C LEU A 71 -2.71 15.58 3.41
N THR A 72 -3.58 15.28 4.37
CA THR A 72 -3.12 15.03 5.75
C THR A 72 -2.65 13.59 5.95
N GLU A 73 -2.85 12.73 4.94
CA GLU A 73 -2.56 11.30 5.05
C GLU A 73 -1.14 10.99 5.52
N ASN A 74 -1.06 10.22 6.61
CA ASN A 74 0.23 9.80 7.21
C ASN A 74 1.01 10.92 7.92
N THR A 75 0.31 11.99 8.26
CA THR A 75 0.89 13.07 9.07
C THR A 75 0.14 13.15 10.39
N ASP A 76 0.77 13.76 11.38
CA ASP A 76 0.18 13.92 12.70
C ASP A 76 -1.08 14.77 12.65
N LEU A 77 -1.14 15.64 11.64
CA LEU A 77 -2.26 16.54 11.41
C LEU A 77 -3.60 15.82 11.29
N ALA A 78 -3.57 14.57 10.84
CA ALA A 78 -4.78 13.80 10.57
C ALA A 78 -5.45 13.24 11.83
N GLY A 79 -4.69 13.18 12.93
CA GLY A 79 -5.07 12.41 14.11
C GLY A 79 -4.05 11.30 14.28
N ASN A 80 -3.69 11.03 15.53
CA ASN A 80 -2.60 10.12 15.88
C ASN A 80 -2.95 8.63 15.95
N THR A 81 -4.24 8.31 16.03
CA THR A 81 -4.74 6.95 15.96
C THR A 81 -5.93 6.92 15.01
N GLU A 82 -6.39 5.73 14.60
CA GLU A 82 -7.59 5.59 13.78
C GLU A 82 -8.77 6.22 14.50
N MET A 83 -8.85 6.01 15.81
CA MET A 83 -9.93 6.52 16.65
C MET A 83 -9.95 8.06 16.70
N GLU A 84 -8.77 8.65 16.85
CA GLU A 84 -8.64 10.11 16.83
C GLU A 84 -9.00 10.70 15.47
N GLN A 85 -8.56 10.02 14.41
CA GLN A 85 -8.93 10.36 13.04
C GLN A 85 -10.44 10.40 12.82
N CYS A 86 -11.15 9.49 13.51
CA CYS A 86 -12.61 9.47 13.53
C CYS A 86 -13.16 10.72 14.22
N HIS A 87 -12.55 11.11 15.36
CA HIS A 87 -12.97 12.32 16.07
C HIS A 87 -12.72 13.56 15.21
N VAL A 88 -11.54 13.61 14.57
CA VAL A 88 -11.19 14.70 13.67
C VAL A 88 -12.19 14.80 12.51
N ASP A 89 -12.46 13.67 11.86
CA ASP A 89 -13.46 13.62 10.78
C ASP A 89 -14.84 14.06 11.24
N ALA A 90 -15.22 13.70 12.47
CA ALA A 90 -16.55 14.01 12.99
C ALA A 90 -16.73 15.49 13.29
N ILE A 91 -15.75 16.08 13.96
CA ILE A 91 -15.73 17.52 14.22
C ILE A 91 -15.80 18.34 12.93
N VAL A 92 -14.98 17.94 11.94
CA VAL A 92 -14.96 18.63 10.66
C VAL A 92 -16.33 18.61 9.97
N ASP A 93 -16.97 17.43 9.96
CA ASP A 93 -18.30 17.27 9.37
C ASP A 93 -19.38 18.05 10.12
N THR A 94 -19.28 18.08 11.45
CA THR A 94 -20.19 18.87 12.28
C THR A 94 -20.10 20.36 11.93
N LEU A 95 -18.87 20.85 11.79
CA LEU A 95 -18.60 22.21 11.33
C LEU A 95 -19.13 22.46 9.92
N ASP A 96 -18.80 21.58 9.00
CA ASP A 96 -19.22 21.71 7.62
C ASP A 96 -20.75 21.63 7.49
N ASP A 97 -21.40 20.79 8.30
CA ASP A 97 -22.86 20.68 8.28
C ASP A 97 -23.46 22.05 8.56
N PHE A 98 -22.90 22.75 9.56
CA PHE A 98 -23.44 24.04 9.96
C PHE A 98 -23.15 25.18 8.98
N MET A 99 -21.93 25.23 8.47
CA MET A 99 -21.56 26.25 7.48
C MET A 99 -22.40 26.10 6.22
N SER A 100 -22.71 24.86 5.86
CA SER A 100 -23.59 24.56 4.73
C SER A 100 -25.03 25.09 4.87
N CYS A 101 -25.47 25.32 6.10
CA CYS A 101 -26.79 25.90 6.36
C CYS A 101 -26.97 27.35 5.89
N PHE A 102 -25.87 28.09 5.77
CA PHE A 102 -25.95 29.50 5.37
C PHE A 102 -26.23 29.62 3.87
N PRO A 103 -27.17 30.50 3.48
CA PRO A 103 -27.52 30.70 2.07
C PRO A 103 -26.51 31.65 1.40
N TRP A 104 -25.33 31.12 1.10
CA TRP A 104 -24.19 31.94 0.68
C TRP A 104 -24.42 32.65 -0.66
N ALA A 105 -25.32 32.10 -1.46
CA ALA A 105 -25.55 32.56 -2.83
C ALA A 105 -26.86 33.33 -2.97
N GLU A 106 -27.63 33.39 -1.90
CA GLU A 106 -28.96 34.00 -1.92
C GLU A 106 -28.87 35.42 -2.46
N LYS A 107 -29.65 35.70 -3.49
CA LYS A 107 -29.59 36.99 -4.18
C LYS A 107 -30.50 38.06 -3.56
N LYS A 108 -31.59 37.64 -2.92
CA LYS A 108 -32.45 38.58 -2.18
C LYS A 108 -31.74 38.95 -0.87
N GLN A 109 -31.21 40.18 -0.82
CA GLN A 109 -30.41 40.67 0.31
C GLN A 109 -31.12 40.69 1.67
N ASP A 110 -32.44 40.87 1.67
CA ASP A 110 -33.21 40.87 2.92
C ASP A 110 -33.42 39.45 3.45
N VAL A 111 -33.74 38.51 2.56
CA VAL A 111 -33.85 37.09 2.90
C VAL A 111 -32.53 36.55 3.45
N LYS A 112 -31.43 36.91 2.79
CA LYS A 112 -30.10 36.50 3.21
C LYS A 112 -29.78 37.01 4.62
N GLU A 113 -29.99 38.32 4.83
CA GLU A 113 -29.79 38.95 6.14
C GLU A 113 -30.60 38.24 7.24
N GLN A 114 -31.89 38.03 6.99
CA GLN A 114 -32.78 37.42 7.97
C GLN A 114 -32.40 35.98 8.30
N MET A 115 -32.01 35.20 7.29
CA MET A 115 -31.56 33.82 7.49
C MET A 115 -30.24 33.75 8.26
N PHE A 116 -29.29 34.62 7.90
CA PHE A 116 -28.02 34.72 8.60
C PHE A 116 -28.20 35.07 10.06
N ASN A 117 -29.07 36.05 10.34
CA ASN A 117 -29.37 36.44 11.71
C ASN A 117 -30.00 35.29 12.50
N GLU A 118 -30.94 34.59 11.87
CA GLU A 118 -31.64 33.47 12.50
C GLU A 118 -30.67 32.37 12.91
N LEU A 119 -29.78 32.01 11.98
CA LEU A 119 -28.78 30.97 12.20
C LEU A 119 -27.75 31.35 13.25
N LEU A 120 -27.35 32.63 13.27
CA LEU A 120 -26.35 33.14 14.21
C LEU A 120 -26.92 33.45 15.60
N THR A 121 -28.24 33.50 15.71
CA THR A 121 -28.92 33.80 16.98
C THR A 121 -29.31 32.53 17.72
N TYR A 122 -29.78 31.52 17.00
CA TYR A 122 -30.28 30.28 17.61
C TYR A 122 -29.33 29.11 17.42
N ASN A 123 -28.99 28.79 16.17
CA ASN A 123 -28.16 27.64 15.88
C ASN A 123 -26.72 27.78 16.36
N ALA A 124 -26.09 28.91 16.03
CA ALA A 124 -24.66 29.10 16.32
C ALA A 124 -24.31 29.04 17.82
N PRO A 125 -25.07 29.74 18.67
CA PRO A 125 -24.76 29.62 20.10
C PRO A 125 -24.95 28.21 20.64
N HIS A 126 -25.90 27.46 20.11
CA HIS A 126 -26.11 26.06 20.51
C HIS A 126 -24.90 25.21 20.14
N LEU A 127 -24.42 25.35 18.90
CA LEU A 127 -23.23 24.65 18.42
C LEU A 127 -21.97 25.07 19.19
N MET A 128 -21.88 26.36 19.53
CA MET A 128 -20.77 26.89 20.30
C MET A 128 -20.68 26.25 21.69
N GLN A 129 -21.81 26.11 22.39
CA GLN A 129 -21.83 25.44 23.69
C GLN A 129 -21.33 24.01 23.56
N ASP A 130 -21.75 23.33 22.49
CA ASP A 130 -21.34 21.96 22.20
C ASP A 130 -19.83 21.83 21.93
N LEU A 131 -19.32 22.72 21.09
CA LEU A 131 -17.90 22.76 20.76
C LEU A 131 -17.04 23.07 21.97
N ASP A 132 -17.48 24.06 22.76
CA ASP A 132 -16.76 24.51 23.96
C ASP A 132 -16.65 23.38 24.99
N THR A 133 -17.78 22.76 25.32
CA THR A 133 -17.78 21.63 26.26
C THR A 133 -17.01 20.41 25.74
N TYR A 134 -17.01 20.20 24.42
CA TYR A 134 -16.23 19.09 23.83
C TYR A 134 -14.73 19.29 23.99
N LEU A 135 -14.28 20.53 23.77
CA LEU A 135 -12.88 20.89 23.94
C LEU A 135 -12.49 20.87 25.42
N GLY A 136 -13.39 21.34 26.27
CA GLY A 136 -13.12 21.49 27.69
C GLY A 136 -11.93 22.40 27.92
N GLY A 137 -11.12 22.08 28.92
CA GLY A 137 -9.89 22.79 29.21
C GLY A 137 -8.69 22.13 28.56
N ARG A 138 -8.93 21.30 27.55
CA ARG A 138 -7.83 20.64 26.84
C ARG A 138 -7.17 21.61 25.86
N GLU A 139 -5.98 21.23 25.40
CA GLU A 139 -5.19 22.09 24.53
C GLU A 139 -5.75 22.16 23.11
N TRP A 140 -6.07 20.99 22.55
CA TRP A 140 -6.56 20.88 21.17
C TRP A 140 -7.87 20.11 21.17
N LEU A 141 -8.64 20.23 20.09
CA LEU A 141 -9.93 19.53 20.02
C LEU A 141 -9.79 18.01 20.15
N ILE A 142 -8.77 17.45 19.48
CA ILE A 142 -8.52 16.01 19.50
C ILE A 142 -7.04 15.72 19.82
N GLY A 143 -6.80 14.88 20.84
CA GLY A 143 -5.45 14.42 21.18
C GLY A 143 -4.54 15.44 21.82
N ASN A 144 -3.24 15.26 21.66
CA ASN A 144 -2.20 16.07 22.33
C ASN A 144 -1.55 17.11 21.43
N SER A 145 -1.95 17.13 20.16
CA SER A 145 -1.33 18.02 19.18
C SER A 145 -2.38 18.51 18.18
N VAL A 146 -2.04 19.57 17.46
CA VAL A 146 -2.94 20.17 16.48
C VAL A 146 -3.37 19.17 15.40
N THR A 147 -4.64 19.21 15.02
CA THR A 147 -5.13 18.43 13.89
C THR A 147 -5.82 19.38 12.93
N TRP A 148 -6.12 18.89 11.72
CA TRP A 148 -6.81 19.75 10.76
C TRP A 148 -8.23 20.11 11.18
N ALA A 149 -8.75 19.45 12.22
CA ALA A 149 -10.00 19.88 12.84
C ALA A 149 -9.88 21.23 13.56
N ASP A 150 -8.74 21.46 14.21
CA ASP A 150 -8.42 22.76 14.83
C ASP A 150 -8.33 23.87 13.79
N PHE A 151 -7.68 23.55 12.67
CA PHE A 151 -7.56 24.42 11.52
C PHE A 151 -8.95 24.81 11.05
N TYR A 152 -9.82 23.82 10.89
CA TYR A 152 -11.15 24.06 10.32
C TYR A 152 -12.02 24.89 11.24
N TRP A 153 -11.83 24.73 12.54
CA TRP A 153 -12.59 25.51 13.49
C TRP A 153 -12.19 26.99 13.40
N GLU A 154 -10.89 27.25 13.33
CA GLU A 154 -10.41 28.62 13.22
C GLU A 154 -10.92 29.25 11.92
N ILE A 155 -10.92 28.44 10.86
CA ILE A 155 -11.37 28.87 9.53
C ILE A 155 -12.88 29.20 9.49
N CYS A 156 -13.70 28.31 10.04
CA CYS A 156 -15.14 28.53 10.03
C CYS A 156 -15.51 29.72 10.92
N SER A 157 -14.95 29.76 12.12
CA SER A 157 -15.22 30.84 13.08
C SER A 157 -14.73 32.21 12.60
N THR A 158 -13.59 32.25 11.91
CA THR A 158 -13.10 33.52 11.32
C THR A 158 -14.16 34.14 10.42
N THR A 159 -14.82 33.31 9.61
CA THR A 159 -15.89 33.78 8.72
C THR A 159 -17.18 34.14 9.48
N LEU A 160 -17.57 33.30 10.43
CA LEU A 160 -18.73 33.59 11.28
C LEU A 160 -18.59 34.88 12.08
N LEU A 161 -17.37 35.20 12.51
CA LEU A 161 -17.10 36.43 13.28
C LEU A 161 -17.29 37.70 12.46
N VAL A 162 -17.11 37.62 11.14
CA VAL A 162 -17.39 38.74 10.25
C VAL A 162 -18.85 39.17 10.41
N PHE A 163 -19.75 38.19 10.45
CA PHE A 163 -21.19 38.45 10.52
C PHE A 163 -21.74 38.69 11.93
N LYS A 164 -21.12 38.08 12.94
CA LYS A 164 -21.54 38.29 14.32
C LYS A 164 -20.32 38.41 15.23
N PRO A 165 -19.74 39.63 15.31
CA PRO A 165 -18.45 39.85 15.98
C PRO A 165 -18.42 39.37 17.43
N ASP A 166 -19.59 39.32 18.07
CA ASP A 166 -19.73 38.98 19.47
C ASP A 166 -19.96 37.48 19.71
N LEU A 167 -19.84 36.69 18.65
CA LEU A 167 -20.16 35.25 18.69
C LEU A 167 -19.42 34.46 19.77
N LEU A 168 -18.16 34.80 20.01
CA LEU A 168 -17.35 34.03 20.95
C LEU A 168 -17.09 34.75 22.26
N ASP A 169 -17.86 35.81 22.52
CA ASP A 169 -17.64 36.67 23.70
C ASP A 169 -17.83 35.97 25.04
N ASN A 170 -18.63 34.90 25.06
CA ASN A 170 -18.73 34.04 26.24
C ASN A 170 -18.13 32.65 26.03
N HIS A 171 -17.18 32.56 25.09
CA HIS A 171 -16.47 31.30 24.85
C HIS A 171 -14.96 31.51 24.76
N PRO A 172 -14.33 31.92 25.89
CA PRO A 172 -12.88 32.20 25.90
C PRO A 172 -12.00 31.04 25.46
N ARG A 173 -12.41 29.81 25.79
CA ARG A 173 -11.64 28.62 25.43
C ARG A 173 -11.61 28.41 23.91
N LEU A 174 -12.69 28.82 23.24
CA LEU A 174 -12.75 28.73 21.77
C LEU A 174 -11.98 29.87 21.11
N VAL A 175 -11.90 31.01 21.80
CA VAL A 175 -11.07 32.13 21.37
C VAL A 175 -9.60 31.72 21.48
N THR A 176 -9.25 31.15 22.64
CA THR A 176 -7.90 30.63 22.89
C THR A 176 -7.47 29.61 21.82
N LEU A 177 -8.39 28.74 21.41
CA LEU A 177 -8.08 27.77 20.35
C LEU A 177 -7.76 28.45 19.02
N ARG A 178 -8.56 29.44 18.65
CA ARG A 178 -8.34 30.21 17.44
C ARG A 178 -6.95 30.85 17.45
N LYS A 179 -6.58 31.44 18.59
CA LYS A 179 -5.30 32.13 18.75
C LYS A 179 -4.12 31.15 18.67
N LYS A 180 -4.32 29.95 19.21
CA LYS A 180 -3.28 28.92 19.18
C LYS A 180 -3.01 28.45 17.76
N VAL A 181 -4.08 28.32 16.97
CA VAL A 181 -4.00 27.93 15.56
C VAL A 181 -3.32 29.03 14.73
N GLN A 182 -3.72 30.27 14.98
CA GLN A 182 -3.21 31.43 14.23
C GLN A 182 -1.71 31.67 14.40
N ALA A 183 -1.19 31.29 15.57
CA ALA A 183 0.20 31.54 15.94
C ALA A 183 1.17 30.42 15.52
N ILE A 184 0.64 29.31 15.02
CA ILE A 184 1.49 28.27 14.43
C ILE A 184 2.22 28.95 13.26
N PRO A 185 3.57 28.96 13.28
CA PRO A 185 4.35 29.79 12.36
C PRO A 185 3.93 29.71 10.90
N ALA A 186 3.75 28.50 10.38
CA ALA A 186 3.38 28.30 8.98
C ALA A 186 1.98 28.84 8.67
N VAL A 187 1.12 28.86 9.69
CA VAL A 187 -0.24 29.40 9.55
C VAL A 187 -0.20 30.92 9.68
N ALA A 188 0.61 31.40 10.63
CA ALA A 188 0.84 32.83 10.85
C ALA A 188 1.41 33.46 9.58
N ASN A 189 2.38 32.78 8.97
CA ASN A 189 2.98 33.21 7.71
C ASN A 189 1.95 33.28 6.59
N TRP A 190 1.20 32.19 6.40
CA TRP A 190 0.15 32.14 5.40
C TRP A 190 -0.94 33.23 5.58
N ILE A 191 -1.41 33.43 6.82
CA ILE A 191 -2.46 34.42 7.12
C ILE A 191 -2.05 35.85 6.76
N LYS A 192 -0.75 36.13 6.86
CA LYS A 192 -0.21 37.44 6.47
C LYS A 192 -0.07 37.55 4.95
N ARG A 193 0.45 36.49 4.33
CA ARG A 193 0.69 36.42 2.87
C ARG A 193 -0.57 36.37 2.00
N ARG A 194 -1.64 35.79 2.53
CA ARG A 194 -2.85 35.53 1.73
C ARG A 194 -3.57 36.81 1.29
N PRO A 195 -4.25 36.77 0.12
CA PRO A 195 -5.08 37.89 -0.33
C PRO A 195 -6.18 38.22 0.67
N GLN A 196 -6.42 39.51 0.88
CA GLN A 196 -7.45 39.96 1.81
C GLN A 196 -8.82 40.03 1.11
N THR A 197 -9.71 39.14 1.52
CA THR A 197 -11.09 39.10 1.03
C THR A 197 -12.01 38.99 2.22
N LYS A 198 -13.27 39.40 2.07
CA LYS A 198 -14.25 39.32 3.15
C LYS A 198 -14.52 37.86 3.58
N LEU A 199 -14.76 37.00 2.60
CA LEU A 199 -15.12 35.61 2.86
C LEU A 199 -14.03 34.62 2.44
N PRO B 2 -14.30 -6.19 21.14
CA PRO B 2 -14.82 -4.84 20.92
C PRO B 2 -16.35 -4.84 20.82
N ASN B 3 -17.02 -4.21 21.78
CA ASN B 3 -18.48 -4.18 21.83
C ASN B 3 -19.06 -2.94 21.14
N TYR B 4 -20.01 -3.18 20.23
CA TYR B 4 -20.59 -2.11 19.41
C TYR B 4 -22.09 -1.89 19.65
N LYS B 5 -22.46 -0.63 19.91
CA LYS B 5 -23.87 -0.23 20.00
C LYS B 5 -24.18 0.97 19.09
N LEU B 6 -25.00 0.73 18.08
CA LEU B 6 -25.42 1.77 17.14
C LEU B 6 -26.80 2.26 17.51
N THR B 7 -26.94 3.57 17.73
CA THR B 7 -28.25 4.17 18.03
C THR B 7 -28.72 5.09 16.89
N TYR B 8 -29.95 4.85 16.43
CA TYR B 8 -30.57 5.67 15.38
C TYR B 8 -32.09 5.54 15.46
N PHE B 9 -32.82 6.22 14.57
CA PHE B 9 -34.25 6.01 14.43
C PHE B 9 -34.49 4.65 13.77
N ASN B 10 -35.72 4.17 13.83
CA ASN B 10 -36.08 2.90 13.19
C ASN B 10 -36.28 3.08 11.69
N MET B 11 -35.16 3.18 10.98
CA MET B 11 -35.15 3.41 9.54
C MET B 11 -33.73 3.19 9.03
N ARG B 12 -33.60 3.15 7.72
CA ARG B 12 -32.28 3.02 7.09
C ARG B 12 -31.54 4.34 7.31
N GLY B 13 -32.04 5.41 6.69
CA GLY B 13 -31.45 6.75 6.82
C GLY B 13 -29.93 6.82 6.82
N ARG B 14 -29.41 7.68 7.67
CA ARG B 14 -27.98 7.96 7.74
C ARG B 14 -27.19 6.81 8.37
N ALA B 15 -27.88 5.91 9.08
CA ALA B 15 -27.21 4.81 9.78
C ALA B 15 -26.93 3.61 8.88
N GLU B 16 -27.65 3.50 7.77
CA GLU B 16 -27.58 2.30 6.94
C GLU B 16 -26.18 1.98 6.39
N ILE B 17 -25.41 3.01 6.06
CA ILE B 17 -24.03 2.83 5.57
C ILE B 17 -23.21 2.05 6.61
N ILE B 18 -23.38 2.42 7.88
CA ILE B 18 -22.75 1.73 9.02
C ILE B 18 -23.25 0.27 9.11
N ARG B 19 -24.56 0.08 8.94
CA ARG B 19 -25.13 -1.26 8.99
C ARG B 19 -24.59 -2.19 7.88
N TYR B 20 -24.45 -1.65 6.67
CA TYR B 20 -23.87 -2.41 5.54
C TYR B 20 -22.43 -2.84 5.82
N ILE B 21 -21.69 -1.96 6.48
CA ILE B 21 -20.29 -2.15 6.77
C ILE B 21 -20.11 -3.21 7.83
N PHE B 22 -20.94 -3.15 8.88
CA PHE B 22 -20.96 -4.20 9.89
C PHE B 22 -21.25 -5.56 9.26
N ALA B 23 -22.28 -5.59 8.40
CA ALA B 23 -22.65 -6.81 7.68
C ALA B 23 -21.50 -7.39 6.86
N TYR B 24 -20.90 -6.57 6.00
CA TYR B 24 -19.80 -6.99 5.12
C TYR B 24 -18.60 -7.53 5.88
N LEU B 25 -18.22 -6.83 6.94
CA LEU B 25 -17.08 -7.22 7.76
C LEU B 25 -17.45 -8.29 8.79
N ASP B 26 -18.73 -8.70 8.77
CA ASP B 26 -19.25 -9.75 9.67
C ASP B 26 -18.95 -9.45 11.15
N ILE B 27 -19.30 -8.23 11.57
CA ILE B 27 -19.09 -7.81 12.95
C ILE B 27 -20.44 -7.68 13.64
N GLN B 28 -20.56 -8.32 14.81
CA GLN B 28 -21.79 -8.25 15.60
C GLN B 28 -21.90 -6.90 16.30
N TYR B 29 -23.10 -6.35 16.31
CA TYR B 29 -23.37 -5.07 16.96
C TYR B 29 -24.80 -5.05 17.45
N GLU B 30 -25.06 -4.20 18.43
CA GLU B 30 -26.43 -3.95 18.84
C GLU B 30 -27.02 -2.89 17.91
N ASP B 31 -28.10 -3.25 17.22
CA ASP B 31 -28.79 -2.32 16.35
C ASP B 31 -29.92 -1.64 17.10
N HIS B 32 -29.58 -0.62 17.89
CA HIS B 32 -30.55 0.06 18.72
C HIS B 32 -31.35 1.11 17.93
N ARG B 33 -32.65 0.90 17.83
CA ARG B 33 -33.55 1.80 17.11
C ARG B 33 -34.51 2.44 18.11
N ILE B 34 -34.59 3.78 18.10
CA ILE B 34 -35.47 4.51 19.03
C ILE B 34 -36.68 5.14 18.36
N GLU B 35 -37.75 5.35 19.13
CA GLU B 35 -38.89 6.16 18.70
C GLU B 35 -38.58 7.62 18.87
N GLN B 36 -39.32 8.46 18.15
CA GLN B 36 -39.18 9.91 18.22
C GLN B 36 -39.41 10.41 19.66
N ALA B 37 -40.33 9.76 20.38
CA ALA B 37 -40.68 10.17 21.73
C ALA B 37 -39.61 9.81 22.77
N ASP B 38 -38.70 8.91 22.42
CA ASP B 38 -37.56 8.60 23.26
C ASP B 38 -36.33 9.47 22.95
N TRP B 39 -36.41 10.22 21.86
CA TRP B 39 -35.25 10.98 21.35
C TRP B 39 -34.77 12.10 22.28
N PRO B 40 -35.66 13.04 22.66
CA PRO B 40 -35.21 14.16 23.53
C PRO B 40 -34.35 13.80 24.75
N GLU B 41 -34.65 12.69 25.42
CA GLU B 41 -33.91 12.29 26.64
C GLU B 41 -32.54 11.68 26.33
N ILE B 42 -32.39 11.19 25.10
CA ILE B 42 -31.10 10.71 24.62
C ILE B 42 -30.28 11.90 24.10
N LYS B 43 -30.94 12.75 23.30
CA LYS B 43 -30.33 13.94 22.67
C LYS B 43 -29.63 14.87 23.67
N SER B 44 -30.26 15.06 24.82
CA SER B 44 -29.77 15.97 25.87
C SER B 44 -28.49 15.48 26.55
N THR B 45 -28.16 14.21 26.36
CA THR B 45 -26.96 13.64 26.97
C THR B 45 -25.78 13.61 26.01
N LEU B 46 -26.03 13.90 24.74
CA LEU B 46 -25.01 13.70 23.70
C LEU B 46 -24.15 14.94 23.49
N PRO B 47 -22.86 14.75 23.18
CA PRO B 47 -21.95 15.85 22.90
C PRO B 47 -22.47 16.80 21.81
N PHE B 48 -23.06 16.26 20.74
CA PHE B 48 -23.48 17.08 19.60
C PHE B 48 -24.96 16.95 19.20
N GLY B 49 -25.70 16.15 19.96
CA GLY B 49 -27.16 16.12 19.90
C GLY B 49 -27.75 15.58 18.60
N LYS B 50 -27.01 14.71 17.93
CA LYS B 50 -27.41 14.21 16.63
C LYS B 50 -27.13 12.70 16.54
N ILE B 51 -27.97 12.01 15.78
CA ILE B 51 -27.79 10.58 15.47
C ILE B 51 -27.61 10.36 13.95
N PRO B 52 -26.91 9.28 13.53
CA PRO B 52 -26.47 8.15 14.34
C PRO B 52 -25.28 8.45 15.25
N ILE B 53 -25.22 7.68 16.35
CA ILE B 53 -24.04 7.60 17.19
C ILE B 53 -23.65 6.12 17.26
N LEU B 54 -22.37 5.87 17.50
CA LEU B 54 -21.86 4.51 17.68
C LEU B 54 -20.99 4.45 18.93
N GLU B 55 -21.42 3.63 19.90
CA GLU B 55 -20.64 3.40 21.11
C GLU B 55 -19.70 2.22 20.92
N VAL B 56 -18.43 2.45 21.24
CA VAL B 56 -17.40 1.41 21.22
C VAL B 56 -16.71 1.46 22.57
N ASP B 57 -16.69 0.34 23.27
CA ASP B 57 -16.10 0.22 24.62
C ASP B 57 -16.26 1.47 25.49
N GLY B 58 -17.49 2.01 25.53
CA GLY B 58 -17.80 3.16 26.39
C GLY B 58 -17.39 4.54 25.88
N LEU B 59 -17.25 4.68 24.57
CA LEU B 59 -16.85 5.93 23.94
C LEU B 59 -17.82 6.25 22.79
N THR B 60 -18.52 7.37 22.90
CA THR B 60 -19.60 7.71 21.95
C THR B 60 -19.14 8.46 20.69
N LEU B 61 -18.99 7.73 19.59
CA LEU B 61 -18.66 8.33 18.29
C LEU B 61 -19.90 8.91 17.62
N HIS B 62 -19.69 9.91 16.77
CA HIS B 62 -20.79 10.54 16.04
C HIS B 62 -20.38 10.83 14.59
N GLN B 63 -21.34 11.33 13.81
CA GLN B 63 -21.19 11.60 12.37
C GLN B 63 -21.12 10.30 11.55
N SER B 64 -22.18 10.05 10.78
CA SER B 64 -22.33 8.80 10.03
C SER B 64 -21.13 8.43 9.15
N LEU B 65 -20.59 9.40 8.43
CA LEU B 65 -19.50 9.12 7.50
C LEU B 65 -18.13 9.03 8.18
N ALA B 66 -17.92 9.82 9.24
CA ALA B 66 -16.70 9.68 10.06
C ALA B 66 -16.60 8.26 10.62
N ILE B 67 -17.75 7.76 11.08
CA ILE B 67 -17.87 6.41 11.62
C ILE B 67 -17.65 5.35 10.53
N ALA B 68 -18.36 5.48 9.41
CA ALA B 68 -18.17 4.57 8.28
C ALA B 68 -16.71 4.52 7.81
N ARG B 69 -16.06 5.68 7.73
CA ARG B 69 -14.66 5.75 7.29
C ARG B 69 -13.76 5.02 8.28
N TYR B 70 -14.00 5.25 9.57
CA TYR B 70 -13.26 4.59 10.65
C TYR B 70 -13.38 3.07 10.57
N LEU B 71 -14.62 2.59 10.40
CA LEU B 71 -14.90 1.15 10.36
C LEU B 71 -14.31 0.43 9.15
N THR B 72 -14.07 1.19 8.07
CA THR B 72 -13.53 0.63 6.84
C THR B 72 -12.01 0.82 6.68
N GLU B 73 -11.41 1.67 7.51
CA GLU B 73 -9.97 1.90 7.41
C GLU B 73 -9.22 0.58 7.52
N ASN B 74 -8.23 0.39 6.64
CA ASN B 74 -7.43 -0.84 6.56
C ASN B 74 -8.23 -2.12 6.34
N THR B 75 -9.35 -1.99 5.64
CA THR B 75 -10.15 -3.14 5.19
C THR B 75 -10.23 -3.04 3.66
N ASP B 76 -10.74 -4.08 2.99
CA ASP B 76 -10.87 -4.03 1.53
C ASP B 76 -11.95 -3.07 1.00
N LEU B 77 -12.81 -2.58 1.90
CA LEU B 77 -13.83 -1.56 1.55
C LEU B 77 -13.25 -0.15 1.39
N ALA B 78 -12.04 0.05 1.87
CA ALA B 78 -11.34 1.32 1.67
C ALA B 78 -10.74 1.32 0.27
N GLY B 79 -10.39 2.50 -0.24
CA GLY B 79 -9.70 2.62 -1.52
C GLY B 79 -8.39 1.83 -1.54
N ASN B 80 -8.02 1.36 -2.72
CA ASN B 80 -6.82 0.55 -2.90
C ASN B 80 -5.50 1.34 -2.96
N THR B 81 -5.61 2.64 -3.21
CA THR B 81 -4.47 3.56 -3.13
C THR B 81 -4.87 4.76 -2.29
N GLU B 82 -3.93 5.65 -2.01
CA GLU B 82 -4.23 6.89 -1.30
C GLU B 82 -5.16 7.76 -2.14
N MET B 83 -4.90 7.81 -3.45
CA MET B 83 -5.76 8.54 -4.39
C MET B 83 -7.18 7.99 -4.45
N GLU B 84 -7.29 6.66 -4.42
CA GLU B 84 -8.60 6.00 -4.46
C GLU B 84 -9.42 6.33 -3.21
N GLN B 85 -8.77 6.42 -2.05
CA GLN B 85 -9.45 6.80 -0.81
C GLN B 85 -10.03 8.22 -0.92
N CYS B 86 -9.31 9.09 -1.62
CA CYS B 86 -9.78 10.45 -1.88
C CYS B 86 -11.03 10.44 -2.76
N HIS B 87 -10.97 9.69 -3.86
CA HIS B 87 -12.13 9.51 -4.75
C HIS B 87 -13.36 8.95 -4.02
N VAL B 88 -13.12 7.97 -3.14
CA VAL B 88 -14.18 7.37 -2.32
C VAL B 88 -14.82 8.45 -1.44
N ASP B 89 -13.98 9.20 -0.71
CA ASP B 89 -14.43 10.30 0.13
C ASP B 89 -15.22 11.35 -0.66
N ALA B 90 -14.74 11.70 -1.86
CA ALA B 90 -15.40 12.71 -2.68
C ALA B 90 -16.79 12.30 -3.18
N ILE B 91 -16.89 11.09 -3.73
CA ILE B 91 -18.17 10.55 -4.19
C ILE B 91 -19.17 10.48 -3.04
N VAL B 92 -18.72 9.96 -1.90
CA VAL B 92 -19.54 9.87 -0.69
C VAL B 92 -20.09 11.24 -0.28
N ASP B 93 -19.22 12.25 -0.25
CA ASP B 93 -19.63 13.61 0.12
C ASP B 93 -20.58 14.25 -0.90
N THR B 94 -20.37 13.98 -2.18
CA THR B 94 -21.25 14.46 -3.24
C THR B 94 -22.66 13.91 -3.04
N LEU B 95 -22.75 12.61 -2.81
CA LEU B 95 -24.01 11.95 -2.50
C LEU B 95 -24.64 12.52 -1.24
N ASP B 96 -23.85 12.59 -0.17
CA ASP B 96 -24.28 13.16 1.10
C ASP B 96 -24.78 14.59 0.98
N ASP B 97 -24.04 15.41 0.21
CA ASP B 97 -24.45 16.80 -0.07
C ASP B 97 -25.86 16.89 -0.62
N PHE B 98 -26.20 16.00 -1.55
CA PHE B 98 -27.54 15.99 -2.13
C PHE B 98 -28.60 15.49 -1.14
N MET B 99 -28.35 14.34 -0.50
CA MET B 99 -29.31 13.78 0.44
C MET B 99 -29.61 14.74 1.59
N SER B 100 -28.60 15.52 1.97
CA SER B 100 -28.69 16.48 3.09
C SER B 100 -29.55 17.70 2.78
N CYS B 101 -29.74 17.98 1.49
CA CYS B 101 -30.60 19.08 1.03
C CYS B 101 -32.07 18.86 1.36
N PHE B 102 -32.49 17.59 1.44
CA PHE B 102 -33.89 17.26 1.70
C PHE B 102 -34.32 17.66 3.11
N PRO B 103 -35.50 18.30 3.23
CA PRO B 103 -36.00 18.72 4.53
C PRO B 103 -36.74 17.57 5.23
N TRP B 104 -35.96 16.61 5.74
CA TRP B 104 -36.48 15.34 6.27
C TRP B 104 -37.38 15.50 7.50
N ALA B 105 -37.04 16.46 8.35
CA ALA B 105 -37.77 16.69 9.61
C ALA B 105 -38.81 17.80 9.51
N GLU B 106 -38.98 18.37 8.31
CA GLU B 106 -39.97 19.43 8.09
C GLU B 106 -41.39 18.99 8.46
N LYS B 107 -42.00 19.74 9.38
CA LYS B 107 -43.31 19.38 9.94
C LYS B 107 -44.49 19.86 9.10
N LYS B 108 -44.29 20.92 8.31
CA LYS B 108 -45.33 21.45 7.42
C LYS B 108 -45.32 20.65 6.11
N GLN B 109 -46.33 19.81 5.93
CA GLN B 109 -46.36 18.84 4.82
C GLN B 109 -46.32 19.45 3.41
N ASP B 110 -47.04 20.56 3.22
CA ASP B 110 -47.04 21.26 1.92
C ASP B 110 -45.68 21.84 1.55
N VAL B 111 -45.00 22.45 2.53
CA VAL B 111 -43.65 22.98 2.34
C VAL B 111 -42.66 21.83 2.08
N LYS B 112 -42.82 20.73 2.82
CA LYS B 112 -41.99 19.54 2.65
C LYS B 112 -42.14 18.93 1.26
N GLU B 113 -43.39 18.74 0.83
CA GLU B 113 -43.70 18.16 -0.49
C GLU B 113 -43.11 18.96 -1.65
N GLN B 114 -43.30 20.27 -1.60
CA GLN B 114 -42.77 21.21 -2.58
C GLN B 114 -41.27 21.02 -2.80
N MET B 115 -40.51 21.02 -1.69
CA MET B 115 -39.06 20.92 -1.71
C MET B 115 -38.56 19.57 -2.22
N PHE B 116 -39.19 18.50 -1.74
CA PHE B 116 -38.87 17.15 -2.20
C PHE B 116 -39.05 17.09 -3.72
N ASN B 117 -40.21 17.57 -4.16
CA ASN B 117 -40.52 17.64 -5.59
C ASN B 117 -39.47 18.39 -6.39
N GLU B 118 -39.08 19.57 -5.91
CA GLU B 118 -38.09 20.37 -6.61
C GLU B 118 -36.74 19.65 -6.72
N LEU B 119 -36.21 19.19 -5.60
CA LEU B 119 -34.95 18.46 -5.56
C LEU B 119 -34.94 17.18 -6.43
N LEU B 120 -36.05 16.44 -6.40
CA LEU B 120 -36.16 15.20 -7.18
C LEU B 120 -36.36 15.44 -8.68
N THR B 121 -37.10 16.50 -9.03
CA THR B 121 -37.41 16.78 -10.43
C THR B 121 -36.28 17.55 -11.11
N TYR B 122 -35.69 18.51 -10.41
CA TYR B 122 -34.70 19.42 -11.02
C TYR B 122 -33.25 19.04 -10.77
N ASN B 123 -32.94 18.58 -9.55
CA ASN B 123 -31.55 18.36 -9.13
C ASN B 123 -31.07 16.92 -9.25
N ALA B 124 -31.91 15.98 -8.82
CA ALA B 124 -31.58 14.55 -8.88
C ALA B 124 -31.16 14.06 -10.28
N PRO B 125 -31.86 14.49 -11.35
CA PRO B 125 -31.45 14.03 -12.68
C PRO B 125 -30.02 14.43 -13.09
N HIS B 126 -29.55 15.59 -12.64
CA HIS B 126 -28.20 16.04 -12.96
C HIS B 126 -27.14 15.25 -12.19
N LEU B 127 -27.41 14.97 -10.93
CA LEU B 127 -26.54 14.10 -10.14
C LEU B 127 -26.40 12.71 -10.78
N MET B 128 -27.51 12.14 -11.24
CA MET B 128 -27.47 10.84 -11.92
C MET B 128 -26.59 10.93 -13.17
N GLN B 129 -26.73 12.01 -13.93
CA GLN B 129 -25.93 12.21 -15.14
C GLN B 129 -24.45 12.28 -14.79
N ASP B 130 -24.14 13.10 -13.79
CA ASP B 130 -22.76 13.26 -13.32
C ASP B 130 -22.17 11.93 -12.85
N LEU B 131 -22.95 11.16 -12.11
CA LEU B 131 -22.53 9.83 -11.64
C LEU B 131 -22.33 8.83 -12.77
N ASP B 132 -23.25 8.86 -13.75
CA ASP B 132 -23.20 7.94 -14.89
C ASP B 132 -21.91 8.12 -15.70
N THR B 133 -21.61 9.37 -16.04
CA THR B 133 -20.38 9.72 -16.77
C THR B 133 -19.15 9.35 -15.96
N TYR B 134 -19.18 9.63 -14.66
CA TYR B 134 -18.05 9.29 -13.78
C TYR B 134 -17.77 7.79 -13.73
N LEU B 135 -18.83 6.99 -13.66
CA LEU B 135 -18.68 5.53 -13.67
C LEU B 135 -18.08 5.03 -15.00
N GLY B 136 -18.54 5.63 -16.10
CA GLY B 136 -18.14 5.20 -17.44
C GLY B 136 -18.53 3.74 -17.63
N GLY B 137 -17.57 2.94 -18.07
CA GLY B 137 -17.79 1.51 -18.26
C GLY B 137 -17.12 0.64 -17.21
N ARG B 138 -16.62 1.29 -16.15
CA ARG B 138 -15.93 0.57 -15.08
C ARG B 138 -16.88 -0.26 -14.22
N GLU B 139 -16.34 -1.23 -13.51
CA GLU B 139 -17.13 -2.19 -12.74
C GLU B 139 -17.64 -1.60 -11.43
N TRP B 140 -16.77 -0.81 -10.79
CA TRP B 140 -17.12 -0.13 -9.54
C TRP B 140 -16.82 1.37 -9.66
N LEU B 141 -17.42 2.18 -8.79
CA LEU B 141 -17.20 3.63 -8.81
C LEU B 141 -15.72 4.02 -8.66
N ILE B 142 -15.01 3.30 -7.79
CA ILE B 142 -13.59 3.58 -7.56
C ILE B 142 -12.76 2.30 -7.66
N GLY B 143 -11.79 2.30 -8.57
CA GLY B 143 -10.84 1.20 -8.70
C GLY B 143 -11.44 -0.07 -9.27
N ASN B 144 -10.81 -1.20 -8.96
CA ASN B 144 -11.19 -2.49 -9.55
C ASN B 144 -11.94 -3.41 -8.60
N SER B 145 -12.24 -2.93 -7.40
CA SER B 145 -13.07 -3.67 -6.44
C SER B 145 -14.02 -2.74 -5.68
N VAL B 146 -15.03 -3.34 -5.05
CA VAL B 146 -16.07 -2.61 -4.31
C VAL B 146 -15.47 -1.77 -3.18
N THR B 147 -15.98 -0.55 -3.03
CA THR B 147 -15.62 0.28 -1.89
C THR B 147 -16.90 0.65 -1.17
N TRP B 148 -16.80 1.30 -0.02
CA TRP B 148 -18.00 1.73 0.71
C TRP B 148 -18.72 2.90 0.01
N ALA B 149 -18.10 3.45 -1.03
CA ALA B 149 -18.79 4.42 -1.90
C ALA B 149 -19.87 3.76 -2.75
N ASP B 150 -19.59 2.54 -3.22
CA ASP B 150 -20.59 1.74 -3.97
C ASP B 150 -21.76 1.39 -3.05
N PHE B 151 -21.44 1.04 -1.81
CA PHE B 151 -22.42 0.88 -0.73
C PHE B 151 -23.28 2.13 -0.60
N TYR B 152 -22.62 3.29 -0.48
CA TYR B 152 -23.35 4.53 -0.24
C TYR B 152 -24.22 4.92 -1.44
N TRP B 153 -23.71 4.72 -2.65
CA TRP B 153 -24.52 4.92 -3.86
C TRP B 153 -25.82 4.09 -3.83
N GLU B 154 -25.68 2.80 -3.55
CA GLU B 154 -26.82 1.89 -3.51
C GLU B 154 -27.84 2.35 -2.46
N ILE B 155 -27.32 2.68 -1.27
CA ILE B 155 -28.15 3.11 -0.15
C ILE B 155 -28.93 4.39 -0.47
N CYS B 156 -28.23 5.40 -0.97
CA CYS B 156 -28.86 6.69 -1.35
C CYS B 156 -29.88 6.53 -2.47
N SER B 157 -29.52 5.72 -3.47
CA SER B 157 -30.37 5.54 -4.65
C SER B 157 -31.65 4.77 -4.30
N THR B 158 -31.55 3.80 -3.38
CA THR B 158 -32.73 3.07 -2.92
C THR B 158 -33.81 4.02 -2.34
N THR B 159 -33.40 4.96 -1.48
CA THR B 159 -34.31 5.94 -0.91
C THR B 159 -34.87 6.92 -1.97
N LEU B 160 -34.01 7.34 -2.89
CA LEU B 160 -34.44 8.27 -3.94
C LEU B 160 -35.50 7.63 -4.84
N LEU B 161 -35.33 6.34 -5.12
CA LEU B 161 -36.27 5.56 -5.93
C LEU B 161 -37.64 5.34 -5.28
N VAL B 162 -37.70 5.47 -3.95
CA VAL B 162 -38.99 5.46 -3.25
C VAL B 162 -39.88 6.61 -3.71
N PHE B 163 -39.31 7.82 -3.81
CA PHE B 163 -40.06 9.01 -4.19
C PHE B 163 -40.15 9.18 -5.71
N LYS B 164 -39.14 8.72 -6.44
CA LYS B 164 -39.07 8.90 -7.89
C LYS B 164 -38.66 7.60 -8.58
N PRO B 165 -39.59 6.65 -8.73
CA PRO B 165 -39.27 5.33 -9.28
C PRO B 165 -38.59 5.33 -10.65
N ASP B 166 -38.81 6.38 -11.45
CA ASP B 166 -38.25 6.45 -12.82
C ASP B 166 -36.83 7.01 -12.90
N LEU B 167 -36.21 7.25 -11.74
CA LEU B 167 -34.94 7.99 -11.64
C LEU B 167 -33.80 7.46 -12.53
N LEU B 168 -33.73 6.13 -12.67
CA LEU B 168 -32.62 5.51 -13.39
C LEU B 168 -33.03 4.86 -14.71
N ASP B 169 -34.21 5.19 -15.23
CA ASP B 169 -34.67 4.64 -16.50
C ASP B 169 -33.67 4.83 -17.66
N ASN B 170 -32.96 5.95 -17.64
CA ASN B 170 -32.03 6.28 -18.70
C ASN B 170 -30.58 6.05 -18.28
N HIS B 171 -30.39 5.31 -17.18
CA HIS B 171 -29.07 5.02 -16.65
C HIS B 171 -28.92 3.53 -16.28
N PRO B 172 -28.92 2.63 -17.29
CA PRO B 172 -28.86 1.20 -16.97
C PRO B 172 -27.57 0.77 -16.25
N ARG B 173 -26.47 1.45 -16.52
CA ARG B 173 -25.20 1.12 -15.86
C ARG B 173 -25.20 1.44 -14.36
N LEU B 174 -25.99 2.44 -13.96
CA LEU B 174 -26.17 2.74 -12.54
C LEU B 174 -27.04 1.69 -11.85
N VAL B 175 -28.00 1.16 -12.60
CA VAL B 175 -28.89 0.11 -12.12
C VAL B 175 -28.08 -1.17 -11.92
N THR B 176 -27.15 -1.40 -12.85
CA THR B 176 -26.25 -2.56 -12.80
C THR B 176 -25.34 -2.50 -11.57
N LEU B 177 -24.82 -1.30 -11.27
CA LEU B 177 -24.02 -1.10 -10.07
C LEU B 177 -24.84 -1.37 -8.79
N ARG B 178 -26.04 -0.82 -8.70
CA ARG B 178 -26.98 -1.11 -7.60
C ARG B 178 -27.15 -2.62 -7.40
N LYS B 179 -27.44 -3.31 -8.50
CA LYS B 179 -27.66 -4.76 -8.50
C LYS B 179 -26.42 -5.55 -8.09
N LYS B 180 -25.26 -5.13 -8.58
CA LYS B 180 -23.97 -5.70 -8.17
C LYS B 180 -23.75 -5.59 -6.66
N VAL B 181 -24.09 -4.42 -6.10
CA VAL B 181 -23.97 -4.21 -4.66
C VAL B 181 -24.89 -5.15 -3.89
N GLN B 182 -26.15 -5.23 -4.35
CA GLN B 182 -27.19 -6.04 -3.71
C GLN B 182 -26.89 -7.55 -3.81
N ALA B 183 -25.94 -7.91 -4.68
CA ALA B 183 -25.58 -9.30 -4.94
C ALA B 183 -24.44 -9.81 -4.05
N ILE B 184 -23.66 -8.91 -3.48
CA ILE B 184 -22.61 -9.26 -2.51
C ILE B 184 -23.27 -10.02 -1.35
N PRO B 185 -22.79 -11.26 -1.07
CA PRO B 185 -23.44 -12.17 -0.11
C PRO B 185 -23.84 -11.55 1.24
N ALA B 186 -22.89 -10.89 1.92
CA ALA B 186 -23.19 -10.28 3.22
C ALA B 186 -24.23 -9.17 3.12
N VAL B 187 -24.24 -8.46 1.99
CA VAL B 187 -25.15 -7.34 1.76
C VAL B 187 -26.54 -7.85 1.38
N ALA B 188 -26.59 -8.84 0.49
CA ALA B 188 -27.83 -9.54 0.14
C ALA B 188 -28.52 -10.07 1.39
N ASN B 189 -27.73 -10.70 2.27
CA ASN B 189 -28.22 -11.24 3.52
C ASN B 189 -28.81 -10.17 4.44
N TRP B 190 -28.11 -9.06 4.60
CA TRP B 190 -28.62 -7.95 5.40
C TRP B 190 -29.90 -7.36 4.80
N ILE B 191 -29.90 -7.19 3.48
CA ILE B 191 -31.08 -6.70 2.75
C ILE B 191 -32.29 -7.62 2.98
N LYS B 192 -32.05 -8.92 3.01
CA LYS B 192 -33.12 -9.89 3.19
C LYS B 192 -33.74 -9.75 4.58
N ARG B 193 -32.90 -9.66 5.60
CA ARG B 193 -33.34 -9.78 7.00
C ARG B 193 -33.61 -8.48 7.77
N ARG B 194 -33.20 -7.34 7.22
CA ARG B 194 -33.29 -6.05 7.94
C ARG B 194 -34.75 -5.59 8.13
N PRO B 195 -35.00 -4.72 9.13
CA PRO B 195 -36.34 -4.17 9.27
C PRO B 195 -36.75 -3.39 8.02
N GLN B 196 -37.96 -3.64 7.55
CA GLN B 196 -38.48 -2.97 6.36
C GLN B 196 -39.17 -1.71 6.79
N THR B 197 -38.64 -0.59 6.34
CA THR B 197 -39.18 0.72 6.64
C THR B 197 -39.15 1.50 5.33
N LYS B 198 -39.96 2.54 5.23
CA LYS B 198 -39.98 3.35 4.01
C LYS B 198 -38.61 3.99 3.75
N LEU B 199 -38.05 4.62 4.79
CA LEU B 199 -36.81 5.38 4.68
C LEU B 199 -35.64 4.75 5.44
N PRO C 2 0.67 1.03 -13.86
CA PRO C 2 0.60 -0.26 -14.55
C PRO C 2 -0.37 -1.20 -13.84
N ASN C 3 -0.82 -2.23 -14.54
CA ASN C 3 -1.93 -3.05 -14.06
C ASN C 3 -1.50 -4.41 -13.43
N TYR C 4 -0.97 -4.32 -12.20
CA TYR C 4 -0.34 -5.45 -11.53
C TYR C 4 -1.32 -6.46 -10.91
N LYS C 5 -1.00 -7.74 -11.06
CA LYS C 5 -1.69 -8.83 -10.35
C LYS C 5 -0.70 -9.85 -9.75
N LEU C 6 -0.61 -9.88 -8.43
CA LEU C 6 0.27 -10.78 -7.71
C LEU C 6 -0.46 -12.06 -7.31
N THR C 7 0.11 -13.21 -7.67
CA THR C 7 -0.46 -14.50 -7.28
C THR C 7 0.49 -15.25 -6.33
N TYR C 8 -0.04 -15.62 -5.16
CA TYR C 8 0.70 -16.43 -4.18
C TYR C 8 -0.32 -17.16 -3.29
N PHE C 9 0.15 -18.01 -2.38
CA PHE C 9 -0.73 -18.64 -1.41
C PHE C 9 -1.26 -17.59 -0.44
N ASN C 10 -2.28 -17.94 0.35
CA ASN C 10 -2.79 -17.04 1.39
C ASN C 10 -1.86 -17.08 2.62
N MET C 11 -0.71 -16.44 2.48
CA MET C 11 0.30 -16.34 3.53
C MET C 11 1.25 -15.23 3.15
N ARG C 12 2.06 -14.79 4.12
CA ARG C 12 3.06 -13.78 3.86
C ARG C 12 4.12 -14.38 2.93
N GLY C 13 4.84 -15.38 3.46
CA GLY C 13 5.83 -16.15 2.71
C GLY C 13 6.75 -15.36 1.81
N ARG C 14 6.97 -15.87 0.60
CA ARG C 14 7.87 -15.27 -0.36
C ARG C 14 7.31 -14.03 -1.07
N ALA C 15 5.99 -13.87 -1.05
CA ALA C 15 5.37 -12.72 -1.71
C ALA C 15 5.46 -11.46 -0.89
N GLU C 16 5.67 -11.61 0.42
CA GLU C 16 5.44 -10.50 1.34
C GLU C 16 6.33 -9.29 1.08
N ILE C 17 7.54 -9.54 0.57
CA ILE C 17 8.46 -8.46 0.23
C ILE C 17 7.87 -7.58 -0.88
N ILE C 18 7.16 -8.21 -1.82
CA ILE C 18 6.51 -7.51 -2.91
C ILE C 18 5.36 -6.67 -2.36
N ARG C 19 4.60 -7.26 -1.45
CA ARG C 19 3.47 -6.58 -0.82
C ARG C 19 3.90 -5.32 -0.06
N TYR C 20 5.02 -5.39 0.64
CA TYR C 20 5.59 -4.23 1.35
C TYR C 20 5.99 -3.10 0.39
N ILE C 21 6.67 -3.45 -0.69
CA ILE C 21 7.09 -2.49 -1.71
C ILE C 21 5.89 -1.79 -2.36
N PHE C 22 4.84 -2.55 -2.65
CA PHE C 22 3.60 -2.00 -3.21
C PHE C 22 2.94 -1.02 -2.23
N ALA C 23 2.90 -1.42 -0.96
CA ALA C 23 2.34 -0.57 0.10
C ALA C 23 3.16 0.71 0.29
N TYR C 24 4.48 0.56 0.40
CA TYR C 24 5.37 1.72 0.58
C TYR C 24 5.30 2.71 -0.57
N LEU C 25 5.25 2.21 -1.80
CA LEU C 25 5.24 3.10 -2.97
C LEU C 25 3.84 3.55 -3.36
N ASP C 26 2.85 3.05 -2.62
CA ASP C 26 1.45 3.40 -2.86
C ASP C 26 1.03 3.03 -4.29
N ILE C 27 1.31 1.77 -4.66
CA ILE C 27 1.11 1.30 -6.03
C ILE C 27 -0.04 0.30 -6.08
N GLN C 28 -0.93 0.52 -7.05
CA GLN C 28 -2.10 -0.32 -7.27
C GLN C 28 -1.75 -1.73 -7.73
N TYR C 29 -2.35 -2.73 -7.07
CA TYR C 29 -2.22 -4.14 -7.49
C TYR C 29 -3.33 -5.01 -6.93
N GLU C 30 -3.61 -6.11 -7.63
CA GLU C 30 -4.53 -7.13 -7.15
C GLU C 30 -3.75 -8.20 -6.41
N ASP C 31 -4.13 -8.44 -5.16
CA ASP C 31 -3.48 -9.41 -4.28
C ASP C 31 -4.21 -10.75 -4.34
N HIS C 32 -3.95 -11.50 -5.40
CA HIS C 32 -4.63 -12.78 -5.62
C HIS C 32 -3.99 -13.89 -4.79
N ARG C 33 -4.78 -14.41 -3.85
CA ARG C 33 -4.33 -15.48 -2.97
C ARG C 33 -5.08 -16.76 -3.30
N ILE C 34 -4.34 -17.84 -3.52
CA ILE C 34 -4.93 -19.12 -3.89
C ILE C 34 -4.88 -20.14 -2.75
N GLU C 35 -5.78 -21.12 -2.81
CA GLU C 35 -5.81 -22.21 -1.85
C GLU C 35 -4.98 -23.38 -2.39
N GLN C 36 -4.55 -24.24 -1.48
CA GLN C 36 -3.67 -25.37 -1.84
C GLN C 36 -4.29 -26.32 -2.87
N ALA C 37 -5.60 -26.55 -2.75
CA ALA C 37 -6.33 -27.45 -3.65
C ALA C 37 -6.47 -26.89 -5.06
N ASP C 38 -6.35 -25.57 -5.21
CA ASP C 38 -6.42 -24.93 -6.53
C ASP C 38 -5.06 -24.81 -7.20
N TRP C 39 -4.00 -25.18 -6.47
CA TRP C 39 -2.61 -24.99 -6.93
C TRP C 39 -2.16 -25.87 -8.10
N PRO C 40 -2.32 -27.22 -7.99
CA PRO C 40 -1.83 -28.08 -9.07
C PRO C 40 -2.34 -27.72 -10.46
N GLU C 41 -3.58 -27.24 -10.53
CA GLU C 41 -4.21 -26.78 -11.78
C GLU C 41 -3.51 -25.53 -12.34
N ILE C 42 -3.16 -24.60 -11.43
CA ILE C 42 -2.48 -23.35 -11.80
C ILE C 42 -0.99 -23.55 -12.07
N LYS C 43 -0.38 -24.47 -11.31
CA LYS C 43 1.06 -24.79 -11.42
C LYS C 43 1.52 -25.13 -12.85
N SER C 44 0.73 -25.95 -13.54
CA SER C 44 1.06 -26.41 -14.88
C SER C 44 0.95 -25.33 -15.96
N THR C 45 0.33 -24.20 -15.64
CA THR C 45 0.19 -23.09 -16.59
C THR C 45 1.34 -22.09 -16.50
N LEU C 46 2.13 -22.20 -15.43
CA LEU C 46 3.24 -21.28 -15.17
C LEU C 46 4.53 -21.76 -15.83
N PRO C 47 5.29 -20.83 -16.45
CA PRO C 47 6.53 -21.16 -17.16
C PRO C 47 7.57 -21.93 -16.34
N PHE C 48 7.64 -21.68 -15.03
CA PHE C 48 8.56 -22.43 -14.17
C PHE C 48 7.84 -23.08 -12.99
N GLY C 49 6.51 -23.02 -13.02
CA GLY C 49 5.66 -23.73 -12.07
C GLY C 49 5.84 -23.35 -10.62
N LYS C 50 6.18 -22.09 -10.37
CA LYS C 50 6.36 -21.61 -9.00
C LYS C 50 5.74 -20.24 -8.74
N ILE C 51 5.43 -19.97 -7.47
CA ILE C 51 4.90 -18.66 -7.06
C ILE C 51 5.76 -18.05 -5.94
N PRO C 52 5.72 -16.72 -5.78
CA PRO C 52 4.82 -15.76 -6.42
C PRO C 52 5.11 -15.49 -7.90
N ILE C 53 4.06 -15.08 -8.62
CA ILE C 53 4.22 -14.48 -9.93
C ILE C 53 3.60 -13.09 -9.91
N LEU C 54 4.10 -12.21 -10.77
CA LEU C 54 3.52 -10.88 -10.93
C LEU C 54 3.19 -10.68 -12.40
N GLU C 55 1.91 -10.42 -12.67
CA GLU C 55 1.48 -10.18 -14.05
C GLU C 55 1.37 -8.70 -14.31
N VAL C 56 1.82 -8.29 -15.51
CA VAL C 56 1.80 -6.90 -15.95
C VAL C 56 1.58 -6.92 -17.45
N ASP C 57 0.58 -6.19 -17.92
CA ASP C 57 0.28 -6.08 -19.35
C ASP C 57 0.35 -7.40 -20.12
N GLY C 58 -0.18 -8.47 -19.53
CA GLY C 58 -0.22 -9.78 -20.20
C GLY C 58 1.11 -10.50 -20.25
N LEU C 59 2.07 -10.00 -19.48
CA LEU C 59 3.39 -10.61 -19.35
C LEU C 59 3.52 -11.14 -17.91
N THR C 60 4.08 -12.33 -17.74
CA THR C 60 4.15 -12.95 -16.41
C THR C 60 5.58 -12.93 -15.87
N LEU C 61 5.80 -12.21 -14.78
CA LEU C 61 7.11 -12.18 -14.11
C LEU C 61 7.13 -13.17 -12.96
N HIS C 62 8.32 -13.74 -12.69
CA HIS C 62 8.49 -14.68 -11.59
C HIS C 62 9.76 -14.39 -10.76
N GLN C 63 9.91 -15.11 -9.66
CA GLN C 63 11.03 -14.93 -8.72
C GLN C 63 10.88 -13.66 -7.87
N SER C 64 10.58 -13.89 -6.59
CA SER C 64 10.15 -12.83 -5.68
C SER C 64 11.15 -11.68 -5.57
N LEU C 65 12.44 -12.01 -5.53
CA LEU C 65 13.46 -10.99 -5.33
C LEU C 65 13.85 -10.31 -6.64
N ALA C 66 13.83 -11.06 -7.73
CA ALA C 66 13.96 -10.48 -9.08
C ALA C 66 12.90 -9.40 -9.27
N ILE C 67 11.66 -9.71 -8.89
CA ILE C 67 10.55 -8.77 -8.97
C ILE C 67 10.73 -7.61 -7.99
N ALA C 68 11.15 -7.94 -6.76
CA ALA C 68 11.41 -6.92 -5.74
C ALA C 68 12.43 -5.88 -6.21
N ARG C 69 13.52 -6.34 -6.81
CA ARG C 69 14.55 -5.44 -7.34
C ARG C 69 13.99 -4.57 -8.47
N TYR C 70 13.23 -5.20 -9.37
CA TYR C 70 12.60 -4.49 -10.48
C TYR C 70 11.75 -3.31 -10.00
N LEU C 71 10.85 -3.56 -9.05
CA LEU C 71 9.92 -2.55 -8.52
C LEU C 71 10.58 -1.43 -7.70
N THR C 72 11.77 -1.70 -7.15
CA THR C 72 12.47 -0.71 -6.32
C THR C 72 13.56 0.08 -7.05
N GLU C 73 13.85 -0.30 -8.29
CA GLU C 73 14.80 0.43 -9.14
C GLU C 73 14.34 1.89 -9.25
N ASN C 74 15.28 2.84 -9.11
CA ASN C 74 15.00 4.29 -9.19
C ASN C 74 14.00 4.83 -8.16
N THR C 75 13.85 4.10 -7.05
CA THR C 75 12.97 4.53 -5.95
C THR C 75 13.78 4.81 -4.68
N ASP C 76 13.10 5.27 -3.64
CA ASP C 76 13.71 5.50 -2.32
C ASP C 76 14.36 4.24 -1.74
N LEU C 77 13.81 3.08 -2.09
CA LEU C 77 14.19 1.80 -1.46
C LEU C 77 15.41 1.10 -2.08
N ALA C 78 15.88 1.60 -3.23
CA ALA C 78 16.88 0.90 -4.06
C ALA C 78 18.27 0.68 -3.45
N GLY C 79 18.73 1.65 -2.67
CA GLY C 79 20.15 1.73 -2.35
C GLY C 79 20.66 2.93 -3.11
N ASN C 80 21.31 3.84 -2.40
CA ASN C 80 21.60 5.19 -2.94
C ASN C 80 22.69 5.24 -4.00
N THR C 81 23.64 4.30 -3.94
CA THR C 81 24.71 4.20 -4.95
C THR C 81 24.79 2.77 -5.52
N GLU C 82 25.49 2.63 -6.64
CA GLU C 82 25.73 1.33 -7.28
C GLU C 82 26.35 0.32 -6.31
N MET C 83 27.31 0.78 -5.49
CA MET C 83 27.94 -0.06 -4.48
C MET C 83 26.94 -0.44 -3.38
N GLU C 84 26.16 0.54 -2.91
CA GLU C 84 25.13 0.28 -1.90
C GLU C 84 24.08 -0.71 -2.39
N GLN C 85 23.75 -0.64 -3.68
CA GLN C 85 22.83 -1.59 -4.30
C GLN C 85 23.38 -3.01 -4.23
N CYS C 86 24.70 -3.14 -4.36
CA CYS C 86 25.38 -4.43 -4.23
C CYS C 86 25.27 -4.98 -2.81
N HIS C 87 25.41 -4.10 -1.81
CA HIS C 87 25.24 -4.54 -0.41
C HIS C 87 23.80 -4.95 -0.14
N VAL C 88 22.84 -4.19 -0.69
CA VAL C 88 21.41 -4.54 -0.56
C VAL C 88 21.15 -5.95 -1.08
N ASP C 89 21.64 -6.23 -2.30
CA ASP C 89 21.47 -7.54 -2.95
C ASP C 89 22.11 -8.67 -2.16
N ALA C 90 23.29 -8.40 -1.60
CA ALA C 90 24.04 -9.39 -0.83
C ALA C 90 23.34 -9.75 0.48
N ILE C 91 22.89 -8.74 1.22
CA ILE C 91 22.13 -8.95 2.45
C ILE C 91 20.84 -9.73 2.21
N VAL C 92 20.11 -9.36 1.16
CA VAL C 92 18.86 -10.02 0.80
C VAL C 92 19.08 -11.50 0.45
N ASP C 93 20.14 -11.79 -0.31
CA ASP C 93 20.47 -13.18 -0.66
C ASP C 93 20.93 -13.97 0.56
N THR C 94 21.68 -13.32 1.46
CA THR C 94 22.11 -13.94 2.71
C THR C 94 20.89 -14.35 3.53
N LEU C 95 19.90 -13.46 3.61
CA LEU C 95 18.63 -13.76 4.27
C LEU C 95 17.90 -14.89 3.54
N ASP C 96 17.71 -14.73 2.23
CA ASP C 96 16.99 -15.71 1.43
C ASP C 96 17.63 -17.10 1.47
N ASP C 97 18.96 -17.14 1.42
CA ASP C 97 19.70 -18.41 1.53
C ASP C 97 19.27 -19.19 2.76
N PHE C 98 19.29 -18.54 3.92
CA PHE C 98 18.93 -19.22 5.17
C PHE C 98 17.46 -19.64 5.19
N MET C 99 16.58 -18.70 4.83
CA MET C 99 15.14 -18.98 4.77
C MET C 99 14.82 -20.14 3.82
N SER C 100 15.60 -20.26 2.75
CA SER C 100 15.38 -21.31 1.74
C SER C 100 15.89 -22.68 2.17
N CYS C 101 16.69 -22.71 3.23
CA CYS C 101 17.21 -23.97 3.79
C CYS C 101 16.12 -24.77 4.53
N PHE C 102 15.07 -24.08 4.98
CA PHE C 102 13.98 -24.74 5.71
C PHE C 102 13.14 -25.63 4.79
N PRO C 103 12.74 -26.82 5.27
CA PRO C 103 11.91 -27.68 4.42
C PRO C 103 10.43 -27.35 4.62
N TRP C 104 9.99 -26.24 4.04
CA TRP C 104 8.62 -25.72 4.24
C TRP C 104 7.51 -26.66 3.75
N ALA C 105 7.78 -27.44 2.71
CA ALA C 105 6.76 -28.33 2.12
C ALA C 105 6.90 -29.80 2.54
N GLU C 106 7.84 -30.08 3.45
CA GLU C 106 8.04 -31.44 3.94
C GLU C 106 6.74 -32.01 4.51
N LYS C 107 6.32 -33.15 3.98
CA LYS C 107 5.03 -33.72 4.31
C LYS C 107 5.08 -34.72 5.47
N LYS C 108 6.30 -35.01 5.93
CA LYS C 108 6.53 -35.82 7.13
C LYS C 108 6.94 -34.91 8.28
N GLN C 109 5.99 -34.65 9.18
CA GLN C 109 6.15 -33.64 10.23
C GLN C 109 7.35 -33.86 11.15
N ASP C 110 7.67 -35.12 11.45
CA ASP C 110 8.82 -35.44 12.30
C ASP C 110 10.14 -35.01 11.64
N VAL C 111 10.27 -35.28 10.34
CA VAL C 111 11.46 -34.86 9.58
C VAL C 111 11.52 -33.33 9.56
N LYS C 112 10.39 -32.71 9.23
CA LYS C 112 10.27 -31.26 9.19
C LYS C 112 10.66 -30.61 10.52
N GLU C 113 10.10 -31.11 11.62
CA GLU C 113 10.36 -30.56 12.95
C GLU C 113 11.82 -30.71 13.39
N GLN C 114 12.40 -31.88 13.12
CA GLN C 114 13.84 -32.12 13.35
C GLN C 114 14.74 -31.12 12.61
N MET C 115 14.48 -30.91 11.32
CA MET C 115 15.26 -29.98 10.50
C MET C 115 15.05 -28.52 10.89
N PHE C 116 13.81 -28.17 11.24
CA PHE C 116 13.49 -26.83 11.74
C PHE C 116 14.27 -26.54 13.03
N ASN C 117 14.21 -27.48 13.97
CA ASN C 117 14.95 -27.37 15.24
C ASN C 117 16.45 -27.27 15.01
N GLU C 118 16.97 -28.11 14.12
CA GLU C 118 18.38 -28.10 13.73
C GLU C 118 18.85 -26.69 13.30
N LEU C 119 18.15 -26.12 12.33
CA LEU C 119 18.50 -24.82 11.74
C LEU C 119 18.31 -23.66 12.73
N LEU C 120 17.30 -23.78 13.59
CA LEU C 120 16.98 -22.72 14.52
C LEU C 120 17.90 -22.70 15.74
N THR C 121 18.33 -23.88 16.18
CA THR C 121 19.19 -23.99 17.37
C THR C 121 20.67 -23.79 17.03
N TYR C 122 21.11 -24.35 15.91
CA TYR C 122 22.55 -24.44 15.61
C TYR C 122 23.07 -23.56 14.46
N ASN C 123 22.19 -23.10 13.58
CA ASN C 123 22.59 -22.20 12.49
C ASN C 123 22.10 -20.76 12.66
N ALA C 124 20.87 -20.61 13.14
CA ALA C 124 20.26 -19.29 13.32
C ALA C 124 21.08 -18.32 14.18
N PRO C 125 21.59 -18.76 15.37
CA PRO C 125 22.33 -17.82 16.23
C PRO C 125 23.60 -17.22 15.60
N HIS C 126 24.26 -17.95 14.71
CA HIS C 126 25.46 -17.44 14.05
C HIS C 126 25.10 -16.37 13.01
N LEU C 127 24.01 -16.60 12.28
CA LEU C 127 23.52 -15.61 11.32
C LEU C 127 23.06 -14.34 12.03
N MET C 128 22.42 -14.49 13.20
CA MET C 128 22.00 -13.33 13.98
C MET C 128 23.20 -12.50 14.46
N GLN C 129 24.26 -13.17 14.91
CA GLN C 129 25.48 -12.49 15.32
C GLN C 129 26.23 -11.85 14.14
N ASP C 130 26.18 -12.50 12.98
CA ASP C 130 26.75 -11.93 11.76
C ASP C 130 26.03 -10.67 11.28
N LEU C 131 24.70 -10.72 11.31
CA LEU C 131 23.83 -9.58 10.97
C LEU C 131 23.95 -8.42 11.96
N ASP C 132 24.05 -8.74 13.25
CA ASP C 132 24.21 -7.74 14.30
C ASP C 132 25.52 -6.98 14.09
N THR C 133 26.63 -7.73 14.01
CA THR C 133 27.94 -7.13 13.84
C THR C 133 28.04 -6.36 12.53
N TYR C 134 27.40 -6.87 11.48
CA TYR C 134 27.34 -6.16 10.19
C TYR C 134 26.65 -4.81 10.33
N LEU C 135 25.52 -4.80 11.03
CA LEU C 135 24.78 -3.58 11.28
C LEU C 135 25.61 -2.60 12.12
N GLY C 136 26.31 -3.13 13.11
CA GLY C 136 27.09 -2.29 14.04
C GLY C 136 26.16 -1.29 14.71
N GLY C 137 26.59 -0.04 14.77
CA GLY C 137 25.81 1.00 15.44
C GLY C 137 24.92 1.80 14.51
N ARG C 138 24.83 1.36 13.25
CA ARG C 138 24.15 2.11 12.20
C ARG C 138 22.62 2.04 12.31
N GLU C 139 21.94 3.01 11.72
CA GLU C 139 20.48 3.10 11.79
C GLU C 139 19.78 2.08 10.91
N TRP C 140 20.24 1.96 9.65
CA TRP C 140 19.74 0.98 8.69
C TRP C 140 20.89 0.06 8.26
N LEU C 141 20.55 -1.06 7.61
CA LEU C 141 21.54 -2.05 7.20
C LEU C 141 22.50 -1.53 6.13
N ILE C 142 21.96 -0.79 5.17
CA ILE C 142 22.76 -0.22 4.08
C ILE C 142 22.50 1.28 3.97
N GLY C 143 23.59 2.05 3.97
CA GLY C 143 23.56 3.49 3.66
C GLY C 143 22.82 4.39 4.64
N ASN C 144 22.40 5.55 4.13
CA ASN C 144 21.78 6.63 4.91
C ASN C 144 20.33 6.44 5.31
N SER C 145 19.63 5.60 4.56
CA SER C 145 18.19 5.49 4.71
C SER C 145 17.72 4.06 4.46
N VAL C 146 16.43 3.83 4.72
CA VAL C 146 15.81 2.53 4.58
C VAL C 146 15.92 2.01 3.14
N THR C 147 16.25 0.73 3.02
CA THR C 147 16.18 0.00 1.74
C THR C 147 15.23 -1.19 1.88
N TRP C 148 14.91 -1.84 0.77
CA TRP C 148 14.10 -3.07 0.82
C TRP C 148 14.84 -4.24 1.50
N ALA C 149 16.14 -4.06 1.75
CA ALA C 149 16.89 -5.01 2.58
C ALA C 149 16.41 -4.95 4.04
N ASP C 150 16.18 -3.74 4.56
CA ASP C 150 15.59 -3.58 5.89
C ASP C 150 14.20 -4.23 5.92
N PHE C 151 13.40 -3.92 4.90
CA PHE C 151 12.09 -4.56 4.71
C PHE C 151 12.22 -6.08 4.86
N TYR C 152 13.17 -6.66 4.13
CA TYR C 152 13.34 -8.11 4.10
C TYR C 152 13.80 -8.68 5.44
N TRP C 153 14.65 -7.94 6.16
CA TRP C 153 15.02 -8.34 7.51
C TRP C 153 13.77 -8.53 8.38
N GLU C 154 12.97 -7.48 8.48
CA GLU C 154 11.75 -7.50 9.28
C GLU C 154 10.83 -8.66 8.87
N ILE C 155 10.73 -8.90 7.57
CA ILE C 155 9.86 -9.94 7.03
C ILE C 155 10.34 -11.33 7.44
N CYS C 156 11.62 -11.61 7.21
CA CYS C 156 12.19 -12.92 7.50
C CYS C 156 12.22 -13.21 9.00
N SER C 157 12.61 -12.21 9.78
CA SER C 157 12.66 -12.33 11.23
C SER C 157 11.28 -12.50 11.84
N THR C 158 10.25 -11.88 11.26
CA THR C 158 8.88 -12.06 11.73
C THR C 158 8.49 -13.55 11.74
N THR C 159 8.80 -14.24 10.65
CA THR C 159 8.51 -15.67 10.53
C THR C 159 9.41 -16.57 11.41
N LEU C 160 10.69 -16.23 11.50
CA LEU C 160 11.62 -17.01 12.34
C LEU C 160 11.26 -16.91 13.82
N LEU C 161 10.69 -15.76 14.22
CA LEU C 161 10.29 -15.50 15.60
C LEU C 161 9.06 -16.28 16.05
N VAL C 162 8.27 -16.73 15.08
CA VAL C 162 7.13 -17.60 15.33
C VAL C 162 7.61 -18.94 15.89
N PHE C 163 8.69 -19.46 15.31
CA PHE C 163 9.25 -20.75 15.70
C PHE C 163 10.33 -20.65 16.78
N LYS C 164 11.02 -19.52 16.86
CA LYS C 164 12.01 -19.31 17.92
C LYS C 164 11.88 -17.92 18.54
N PRO C 165 10.98 -17.78 19.53
CA PRO C 165 10.64 -16.49 20.15
C PRO C 165 11.83 -15.73 20.73
N ASP C 166 12.85 -16.45 21.17
CA ASP C 166 14.01 -15.84 21.83
C ASP C 166 15.16 -15.55 20.84
N LEU C 167 14.86 -15.64 19.55
CA LEU C 167 15.88 -15.50 18.50
C LEU C 167 16.75 -14.25 18.64
N LEU C 168 16.14 -13.14 19.06
CA LEU C 168 16.82 -11.86 19.09
C LEU C 168 17.09 -11.29 20.49
N ASP C 169 16.95 -12.14 21.51
CA ASP C 169 17.13 -11.72 22.91
C ASP C 169 18.49 -11.09 23.20
N ASN C 170 19.54 -11.58 22.54
CA ASN C 170 20.87 -10.97 22.69
C ASN C 170 21.25 -10.04 21.53
N HIS C 171 20.25 -9.56 20.79
CA HIS C 171 20.46 -8.65 19.67
C HIS C 171 19.44 -7.51 19.64
N PRO C 172 19.41 -6.67 20.69
CA PRO C 172 18.41 -5.58 20.76
C PRO C 172 18.51 -4.62 19.58
N ARG C 173 19.69 -4.52 18.97
CA ARG C 173 19.89 -3.63 17.83
C ARG C 173 19.19 -4.12 16.56
N LEU C 174 19.05 -5.45 16.44
CA LEU C 174 18.27 -6.06 15.36
C LEU C 174 16.77 -5.90 15.61
N VAL C 175 16.39 -5.88 16.88
CA VAL C 175 15.01 -5.64 17.30
C VAL C 175 14.58 -4.21 16.96
N THR C 176 15.44 -3.24 17.30
CA THR C 176 15.19 -1.83 17.00
C THR C 176 14.95 -1.62 15.49
N LEU C 177 15.74 -2.30 14.67
CA LEU C 177 15.57 -2.23 13.21
C LEU C 177 14.19 -2.72 12.80
N ARG C 178 13.75 -3.82 13.41
CA ARG C 178 12.42 -4.39 13.17
C ARG C 178 11.29 -3.43 13.50
N LYS C 179 11.41 -2.73 14.63
CA LYS C 179 10.41 -1.77 15.05
C LYS C 179 10.40 -0.53 14.17
N LYS C 180 11.58 -0.12 13.69
CA LYS C 180 11.70 1.02 12.80
C LYS C 180 10.96 0.78 11.48
N VAL C 181 11.11 -0.43 10.92
CA VAL C 181 10.45 -0.80 9.67
C VAL C 181 8.94 -0.89 9.88
N GLN C 182 8.54 -1.55 10.97
CA GLN C 182 7.13 -1.69 11.32
C GLN C 182 6.42 -0.34 11.59
N ALA C 183 7.20 0.70 11.89
CA ALA C 183 6.67 2.01 12.24
C ALA C 183 6.53 2.97 11.07
N ILE C 184 7.12 2.62 9.92
CA ILE C 184 6.92 3.38 8.68
C ILE C 184 5.43 3.34 8.32
N PRO C 185 4.77 4.52 8.24
CA PRO C 185 3.31 4.61 8.11
C PRO C 185 2.69 3.65 7.08
N ALA C 186 3.25 3.61 5.87
CA ALA C 186 2.76 2.69 4.83
C ALA C 186 2.92 1.22 5.22
N VAL C 187 4.00 0.87 5.90
CA VAL C 187 4.19 -0.50 6.37
C VAL C 187 3.23 -0.79 7.52
N ALA C 188 3.18 0.10 8.52
CA ALA C 188 2.27 -0.02 9.65
C ALA C 188 0.83 -0.28 9.20
N ASN C 189 0.38 0.48 8.20
CA ASN C 189 -0.96 0.34 7.63
C ASN C 189 -1.16 -1.01 6.97
N TRP C 190 -0.17 -1.44 6.18
CA TRP C 190 -0.25 -2.77 5.55
C TRP C 190 -0.36 -3.88 6.58
N ILE C 191 0.45 -3.79 7.65
CA ILE C 191 0.43 -4.78 8.73
C ILE C 191 -0.96 -4.95 9.37
N LYS C 192 -1.74 -3.87 9.37
CA LYS C 192 -3.10 -3.88 9.89
C LYS C 192 -4.15 -4.40 8.89
N ARG C 193 -3.88 -4.22 7.60
CA ARG C 193 -4.83 -4.52 6.54
C ARG C 193 -4.67 -5.96 6.05
N ARG C 194 -3.42 -6.43 6.01
CA ARG C 194 -3.12 -7.77 5.50
C ARG C 194 -3.91 -8.83 6.28
N PRO C 195 -4.38 -9.88 5.58
CA PRO C 195 -4.95 -11.04 6.26
C PRO C 195 -3.99 -11.56 7.32
N GLN C 196 -4.53 -11.95 8.47
CA GLN C 196 -3.72 -12.56 9.53
C GLN C 196 -3.47 -14.01 9.19
N THR C 197 -2.21 -14.32 8.89
CA THR C 197 -1.79 -15.70 8.63
C THR C 197 -0.59 -16.06 9.50
N LYS C 198 -0.35 -17.36 9.67
CA LYS C 198 0.77 -17.84 10.46
C LYS C 198 2.11 -17.56 9.79
N LEU C 199 2.18 -17.88 8.50
CA LEU C 199 3.39 -17.78 7.71
C LEU C 199 3.25 -16.73 6.61
N PRO D 2 40.04 -0.12 -10.59
CA PRO D 2 39.98 -0.79 -9.30
C PRO D 2 40.69 -2.15 -9.29
N ASN D 3 41.46 -2.41 -8.24
CA ASN D 3 42.16 -3.68 -8.09
C ASN D 3 41.27 -4.73 -7.44
N TYR D 4 41.20 -5.90 -8.07
CA TYR D 4 40.28 -6.97 -7.68
C TYR D 4 40.99 -8.21 -7.16
N LYS D 5 40.54 -8.71 -6.02
CA LYS D 5 41.01 -9.99 -5.51
C LYS D 5 39.81 -10.89 -5.16
N LEU D 6 39.74 -12.03 -5.84
CA LEU D 6 38.67 -13.00 -5.64
C LEU D 6 39.16 -14.20 -4.84
N THR D 7 38.40 -14.60 -3.83
CA THR D 7 38.75 -15.73 -2.98
C THR D 7 37.69 -16.82 -3.02
N TYR D 8 38.12 -18.02 -3.38
CA TYR D 8 37.26 -19.21 -3.40
C TYR D 8 38.16 -20.43 -3.29
N PHE D 9 37.57 -21.62 -3.31
CA PHE D 9 38.33 -22.88 -3.38
C PHE D 9 38.88 -23.09 -4.79
N ASN D 10 39.75 -24.10 -4.95
CA ASN D 10 40.19 -24.51 -6.28
C ASN D 10 39.09 -25.34 -6.95
N MET D 11 38.09 -24.63 -7.45
CA MET D 11 36.96 -25.20 -8.19
C MET D 11 36.18 -24.07 -8.84
N ARG D 12 35.36 -24.41 -9.84
CA ARG D 12 34.49 -23.44 -10.49
C ARG D 12 33.46 -22.94 -9.48
N GLY D 13 32.54 -23.83 -9.09
CA GLY D 13 31.55 -23.54 -8.06
C GLY D 13 30.87 -22.19 -8.22
N ARG D 14 30.59 -21.56 -7.08
CA ARG D 14 29.84 -20.31 -7.05
C ARG D 14 30.64 -19.10 -7.52
N ALA D 15 31.96 -19.25 -7.64
CA ALA D 15 32.82 -18.14 -8.08
C ALA D 15 32.96 -18.04 -9.59
N GLU D 16 32.58 -19.11 -10.30
CA GLU D 16 32.84 -19.19 -11.73
C GLU D 16 32.13 -18.08 -12.53
N ILE D 17 30.91 -17.74 -12.15
CA ILE D 17 30.17 -16.66 -12.81
C ILE D 17 30.97 -15.34 -12.84
N ILE D 18 31.63 -15.02 -11.72
CA ILE D 18 32.46 -13.81 -11.60
C ILE D 18 33.70 -13.91 -12.51
N ARG D 19 34.30 -15.09 -12.58
CA ARG D 19 35.45 -15.37 -13.43
C ARG D 19 35.11 -15.22 -14.91
N TYR D 20 33.93 -15.68 -15.30
CA TYR D 20 33.44 -15.51 -16.66
C TYR D 20 33.29 -14.03 -16.97
N ILE D 21 32.69 -13.29 -16.04
CA ILE D 21 32.48 -11.86 -16.18
C ILE D 21 33.80 -11.08 -16.35
N PHE D 22 34.75 -11.33 -15.45
CA PHE D 22 36.08 -10.71 -15.53
C PHE D 22 36.78 -11.01 -16.87
N ALA D 23 36.72 -12.27 -17.31
CA ALA D 23 37.34 -12.69 -18.57
C ALA D 23 36.67 -12.02 -19.77
N TYR D 24 35.34 -11.97 -19.77
CA TYR D 24 34.59 -11.36 -20.86
C TYR D 24 34.84 -9.85 -20.96
N LEU D 25 34.92 -9.18 -19.82
CA LEU D 25 35.11 -7.73 -19.81
C LEU D 25 36.59 -7.32 -19.82
N ASP D 26 37.44 -8.33 -20.00
CA ASP D 26 38.90 -8.17 -19.97
C ASP D 26 39.35 -7.33 -18.78
N ILE D 27 38.96 -7.78 -17.59
CA ILE D 27 39.33 -7.14 -16.33
C ILE D 27 40.38 -8.00 -15.62
N GLN D 28 41.50 -7.39 -15.27
CA GLN D 28 42.58 -8.10 -14.58
C GLN D 28 42.23 -8.23 -13.10
N TYR D 29 42.49 -9.41 -12.54
CA TYR D 29 42.14 -9.70 -11.15
C TYR D 29 43.01 -10.82 -10.59
N GLU D 30 43.11 -10.88 -9.26
CA GLU D 30 43.79 -11.98 -8.61
C GLU D 30 42.81 -13.14 -8.36
N ASP D 31 43.11 -14.29 -8.96
CA ASP D 31 42.31 -15.48 -8.77
C ASP D 31 42.87 -16.33 -7.63
N HIS D 32 42.64 -15.89 -6.40
CA HIS D 32 43.16 -16.58 -5.21
C HIS D 32 42.30 -17.79 -4.83
N ARG D 33 42.88 -18.97 -5.02
CA ARG D 33 42.21 -20.23 -4.69
C ARG D 33 42.81 -20.86 -3.44
N ILE D 34 41.99 -20.97 -2.38
CA ILE D 34 42.44 -21.54 -1.11
C ILE D 34 42.35 -23.06 -1.07
N GLU D 35 43.27 -23.67 -0.33
CA GLU D 35 43.23 -25.10 -0.01
C GLU D 35 42.08 -25.38 0.95
N GLN D 36 41.56 -26.61 0.92
CA GLN D 36 40.49 -27.03 1.83
C GLN D 36 40.91 -26.95 3.30
N ALA D 37 42.19 -27.21 3.56
CA ALA D 37 42.76 -27.21 4.91
C ALA D 37 42.92 -25.82 5.51
N ASP D 38 43.05 -24.80 4.64
CA ASP D 38 43.14 -23.41 5.08
C ASP D 38 41.77 -22.88 5.50
N TRP D 39 40.71 -23.42 4.91
CA TRP D 39 39.35 -22.87 5.05
C TRP D 39 38.85 -22.65 6.49
N PRO D 40 38.91 -23.69 7.36
CA PRO D 40 38.43 -23.52 8.74
C PRO D 40 38.98 -22.29 9.45
N GLU D 41 40.28 -22.02 9.28
CA GLU D 41 40.89 -20.83 9.87
C GLU D 41 40.56 -19.55 9.10
N ILE D 42 40.22 -19.67 7.82
CA ILE D 42 39.90 -18.53 6.96
C ILE D 42 38.48 -18.00 7.22
N LYS D 43 37.55 -18.92 7.49
CA LYS D 43 36.13 -18.64 7.64
C LYS D 43 35.82 -17.55 8.68
N SER D 44 36.50 -17.60 9.81
CA SER D 44 36.19 -16.73 10.96
C SER D 44 36.58 -15.26 10.77
N THR D 45 37.32 -14.95 9.72
CA THR D 45 37.71 -13.57 9.40
C THR D 45 36.70 -12.88 8.48
N LEU D 46 35.84 -13.66 7.83
CA LEU D 46 34.85 -13.14 6.89
C LEU D 46 33.54 -12.81 7.60
N PRO D 47 32.99 -11.61 7.33
CA PRO D 47 31.86 -11.09 8.10
C PRO D 47 30.61 -11.99 8.08
N PHE D 48 30.43 -12.76 7.00
CA PHE D 48 29.34 -13.73 6.90
C PHE D 48 29.79 -15.19 6.74
N GLY D 49 31.10 -15.42 6.87
CA GLY D 49 31.67 -16.77 6.91
C GLY D 49 31.52 -17.63 5.65
N LYS D 50 31.24 -16.99 4.51
CA LYS D 50 31.07 -17.72 3.26
C LYS D 50 31.92 -17.16 2.11
N ILE D 51 32.22 -18.03 1.15
CA ILE D 51 32.89 -17.63 -0.08
C ILE D 51 32.02 -18.00 -1.30
N PRO D 52 32.23 -17.34 -2.44
CA PRO D 52 33.28 -16.36 -2.79
C PRO D 52 33.15 -15.00 -2.12
N ILE D 53 34.28 -14.32 -1.98
CA ILE D 53 34.29 -12.89 -1.65
C ILE D 53 35.11 -12.17 -2.71
N LEU D 54 34.79 -10.91 -2.95
CA LEU D 54 35.57 -10.09 -3.85
C LEU D 54 35.99 -8.81 -3.13
N GLU D 55 37.29 -8.62 -3.03
CA GLU D 55 37.85 -7.42 -2.42
C GLU D 55 38.07 -6.36 -3.51
N VAL D 56 37.47 -5.19 -3.31
CA VAL D 56 37.53 -4.09 -4.25
C VAL D 56 38.02 -2.88 -3.48
N ASP D 57 39.26 -2.46 -3.77
CA ASP D 57 39.93 -1.39 -3.02
C ASP D 57 39.73 -1.55 -1.51
N GLY D 58 40.20 -2.67 -0.99
CA GLY D 58 40.13 -2.94 0.45
C GLY D 58 38.74 -3.10 1.04
N LEU D 59 37.73 -3.17 0.18
CA LEU D 59 36.36 -3.44 0.64
C LEU D 59 35.96 -4.87 0.27
N THR D 60 35.38 -5.58 1.23
CA THR D 60 35.09 -7.01 1.09
C THR D 60 33.63 -7.27 0.68
N LEU D 61 33.42 -7.63 -0.58
CA LEU D 61 32.08 -7.97 -1.08
C LEU D 61 31.81 -9.46 -1.00
N HIS D 62 30.56 -9.81 -0.72
CA HIS D 62 30.14 -11.20 -0.65
C HIS D 62 28.87 -11.45 -1.47
N GLN D 63 28.46 -12.72 -1.55
CA GLN D 63 27.33 -13.18 -2.36
C GLN D 63 27.63 -13.11 -3.86
N SER D 64 27.81 -14.29 -4.47
CA SER D 64 28.29 -14.41 -5.84
C SER D 64 27.41 -13.68 -6.86
N LEU D 65 26.10 -13.72 -6.68
CA LEU D 65 25.18 -13.12 -7.66
C LEU D 65 25.01 -11.62 -7.47
N ALA D 66 25.10 -11.16 -6.22
CA ALA D 66 25.13 -9.73 -5.93
C ALA D 66 26.33 -9.08 -6.57
N ILE D 67 27.49 -9.75 -6.46
CA ILE D 67 28.73 -9.32 -7.10
C ILE D 67 28.60 -9.31 -8.63
N ALA D 68 28.13 -10.43 -9.18
CA ALA D 68 27.95 -10.57 -10.63
C ALA D 68 27.06 -9.45 -11.20
N ARG D 69 25.96 -9.15 -10.52
CA ARG D 69 25.06 -8.06 -10.92
C ARG D 69 25.72 -6.69 -10.84
N TYR D 70 26.52 -6.46 -9.80
CA TYR D 70 27.25 -5.19 -9.65
C TYR D 70 28.26 -5.01 -10.78
N LEU D 71 28.96 -6.08 -11.14
CA LEU D 71 30.01 -6.05 -12.14
C LEU D 71 29.52 -5.88 -13.58
N THR D 72 28.28 -6.27 -13.84
CA THR D 72 27.73 -6.24 -15.21
C THR D 72 26.83 -5.04 -15.50
N GLU D 73 26.50 -4.28 -14.45
CA GLU D 73 25.71 -3.06 -14.63
C GLU D 73 26.45 -2.10 -15.54
N ASN D 74 25.73 -1.57 -16.53
CA ASN D 74 26.29 -0.63 -17.51
C ASN D 74 27.30 -1.28 -18.46
N THR D 75 27.21 -2.60 -18.62
CA THR D 75 27.97 -3.35 -19.62
C THR D 75 26.98 -4.09 -20.53
N ASP D 76 27.49 -4.65 -21.63
CA ASP D 76 26.66 -5.39 -22.58
C ASP D 76 26.14 -6.73 -22.02
N LEU D 77 26.58 -7.09 -20.81
CA LEU D 77 26.10 -8.30 -20.13
C LEU D 77 24.83 -8.07 -19.30
N ALA D 78 24.52 -6.81 -19.03
CA ALA D 78 23.25 -6.46 -18.41
C ALA D 78 22.13 -6.65 -19.43
N GLY D 79 20.90 -6.82 -18.95
CA GLY D 79 19.74 -6.80 -19.83
C GLY D 79 19.64 -5.41 -20.45
N ASN D 80 19.09 -5.34 -21.65
CA ASN D 80 19.07 -4.09 -22.41
C ASN D 80 18.08 -3.05 -21.88
N THR D 81 17.05 -3.51 -21.17
CA THR D 81 16.06 -2.63 -20.54
C THR D 81 15.90 -3.00 -19.06
N GLU D 82 15.06 -2.26 -18.35
CA GLU D 82 14.76 -2.56 -16.96
C GLU D 82 14.01 -3.88 -16.78
N MET D 83 13.06 -4.18 -17.67
CA MET D 83 12.33 -5.45 -17.58
C MET D 83 13.19 -6.63 -18.02
N GLU D 84 14.10 -6.39 -18.96
CA GLU D 84 15.08 -7.41 -19.34
C GLU D 84 15.95 -7.79 -18.13
N GLN D 85 16.43 -6.78 -17.40
CA GLN D 85 17.19 -6.98 -16.16
C GLN D 85 16.42 -7.85 -15.17
N CYS D 86 15.10 -7.63 -15.07
CA CYS D 86 14.22 -8.49 -14.28
C CYS D 86 14.25 -9.95 -14.76
N HIS D 87 14.17 -10.16 -16.08
CA HIS D 87 14.23 -11.50 -16.65
C HIS D 87 15.59 -12.15 -16.41
N VAL D 88 16.66 -11.36 -16.57
CA VAL D 88 18.02 -11.81 -16.23
C VAL D 88 18.05 -12.34 -14.78
N ASP D 89 17.62 -11.51 -13.84
CA ASP D 89 17.61 -11.87 -12.42
C ASP D 89 16.79 -13.12 -12.13
N ALA D 90 15.61 -13.21 -12.71
CA ALA D 90 14.70 -14.32 -12.46
C ALA D 90 15.31 -15.64 -12.93
N ILE D 91 15.82 -15.65 -14.17
CA ILE D 91 16.48 -16.84 -14.71
C ILE D 91 17.69 -17.26 -13.86
N VAL D 92 18.51 -16.30 -13.46
CA VAL D 92 19.66 -16.58 -12.61
C VAL D 92 19.24 -17.20 -11.27
N ASP D 93 18.22 -16.64 -10.63
CA ASP D 93 17.72 -17.17 -9.36
C ASP D 93 17.03 -18.53 -9.52
N THR D 94 16.37 -18.75 -10.66
CA THR D 94 15.76 -20.06 -10.94
C THR D 94 16.84 -21.14 -11.02
N LEU D 95 17.94 -20.82 -11.70
CA LEU D 95 19.09 -21.72 -11.79
C LEU D 95 19.81 -21.86 -10.45
N ASP D 96 20.06 -20.73 -9.78
CA ASP D 96 20.72 -20.77 -8.47
C ASP D 96 19.93 -21.51 -7.40
N ASP D 97 18.60 -21.37 -7.43
CA ASP D 97 17.74 -22.06 -6.46
C ASP D 97 17.96 -23.56 -6.57
N PHE D 98 17.93 -24.08 -7.79
CA PHE D 98 18.10 -25.52 -7.99
C PHE D 98 19.48 -25.98 -7.54
N MET D 99 20.51 -25.25 -7.93
CA MET D 99 21.90 -25.57 -7.56
C MET D 99 22.11 -25.52 -6.04
N SER D 100 21.41 -24.61 -5.37
CA SER D 100 21.53 -24.44 -3.93
C SER D 100 20.82 -25.52 -3.14
N CYS D 101 19.92 -26.25 -3.80
CA CYS D 101 19.18 -27.36 -3.16
C CYS D 101 20.07 -28.56 -2.83
N PHE D 102 21.19 -28.69 -3.54
CA PHE D 102 22.07 -29.84 -3.33
C PHE D 102 22.85 -29.74 -2.02
N PRO D 103 22.88 -30.83 -1.23
CA PRO D 103 23.60 -30.83 0.05
C PRO D 103 25.11 -30.96 -0.13
N TRP D 104 25.75 -29.86 -0.52
CA TRP D 104 27.19 -29.82 -0.79
C TRP D 104 28.04 -30.06 0.46
N ALA D 105 27.55 -29.59 1.61
CA ALA D 105 28.29 -29.65 2.88
C ALA D 105 27.89 -30.82 3.79
N GLU D 106 27.02 -31.69 3.30
CA GLU D 106 26.58 -32.86 4.05
C GLU D 106 27.74 -33.84 4.28
N LYS D 107 27.97 -34.18 5.55
CA LYS D 107 29.06 -35.09 5.91
C LYS D 107 28.71 -36.55 5.64
N LYS D 108 27.55 -36.99 6.12
CA LYS D 108 27.08 -38.36 5.91
C LYS D 108 26.98 -38.65 4.41
N GLN D 109 27.93 -39.45 3.92
CA GLN D 109 28.10 -39.73 2.49
C GLN D 109 26.94 -40.54 1.90
N ASP D 110 26.21 -41.25 2.75
CA ASP D 110 25.03 -42.00 2.31
C ASP D 110 23.81 -41.09 2.13
N VAL D 111 23.63 -40.14 3.04
CA VAL D 111 22.51 -39.18 2.99
C VAL D 111 22.73 -38.16 1.86
N LYS D 112 23.99 -37.82 1.63
CA LYS D 112 24.40 -36.89 0.56
C LYS D 112 24.14 -37.50 -0.82
N GLU D 113 24.64 -38.72 -1.04
CA GLU D 113 24.50 -39.42 -2.31
C GLU D 113 23.03 -39.73 -2.59
N GLN D 114 22.28 -39.98 -1.52
CA GLN D 114 20.83 -40.15 -1.58
C GLN D 114 20.16 -38.91 -2.19
N MET D 115 20.31 -37.78 -1.51
CA MET D 115 19.68 -36.52 -1.91
C MET D 115 20.10 -35.98 -3.28
N PHE D 116 21.36 -36.24 -3.67
CA PHE D 116 21.86 -35.83 -4.97
C PHE D 116 21.10 -36.49 -6.11
N ASN D 117 20.99 -37.82 -6.04
CA ASN D 117 20.31 -38.60 -7.06
C ASN D 117 18.82 -38.28 -7.15
N GLU D 118 18.21 -37.99 -6.02
CA GLU D 118 16.80 -37.61 -5.96
C GLU D 118 16.51 -36.27 -6.64
N LEU D 119 17.42 -35.32 -6.47
CA LEU D 119 17.31 -34.01 -7.12
C LEU D 119 17.61 -34.09 -8.61
N LEU D 120 18.68 -34.81 -8.95
CA LEU D 120 19.16 -34.90 -10.33
C LEU D 120 18.17 -35.62 -11.23
N THR D 121 17.71 -36.78 -10.78
CA THR D 121 16.94 -37.65 -11.65
C THR D 121 15.45 -37.25 -11.75
N TYR D 122 14.98 -36.39 -10.83
CA TYR D 122 13.53 -36.12 -10.73
C TYR D 122 13.10 -34.66 -10.70
N ASN D 123 14.01 -33.76 -10.34
CA ASN D 123 13.73 -32.33 -10.45
C ASN D 123 14.37 -31.75 -11.70
N ALA D 124 15.59 -32.20 -11.99
CA ALA D 124 16.36 -31.69 -13.14
C ALA D 124 15.63 -31.80 -14.49
N PRO D 125 15.04 -32.98 -14.80
CA PRO D 125 14.33 -33.09 -16.09
C PRO D 125 13.22 -32.06 -16.28
N HIS D 126 12.46 -31.79 -15.22
CA HIS D 126 11.41 -30.75 -15.25
C HIS D 126 12.00 -29.36 -15.52
N LEU D 127 13.07 -29.03 -14.81
CA LEU D 127 13.78 -27.76 -14.99
C LEU D 127 14.28 -27.58 -16.42
N MET D 128 14.90 -28.62 -16.98
CA MET D 128 15.39 -28.59 -18.37
C MET D 128 14.26 -28.31 -19.35
N GLN D 129 13.11 -28.94 -19.12
CA GLN D 129 11.94 -28.76 -19.99
C GLN D 129 11.36 -27.36 -19.89
N ASP D 130 11.26 -26.84 -18.66
CA ASP D 130 10.84 -25.47 -18.43
C ASP D 130 11.80 -24.49 -19.12
N LEU D 131 13.10 -24.71 -18.95
CA LEU D 131 14.13 -23.88 -19.59
C LEU D 131 14.00 -23.87 -21.12
N ASP D 132 13.83 -25.06 -21.68
CA ASP D 132 13.78 -25.23 -23.13
C ASP D 132 12.54 -24.54 -23.71
N THR D 133 11.41 -24.71 -23.04
CA THR D 133 10.17 -24.08 -23.42
C THR D 133 10.32 -22.57 -23.32
N TYR D 134 10.90 -22.12 -22.20
CA TYR D 134 11.13 -20.67 -22.00
C TYR D 134 12.00 -20.06 -23.10
N LEU D 135 13.07 -20.75 -23.48
CA LEU D 135 13.96 -20.26 -24.53
C LEU D 135 13.26 -20.21 -25.89
N GLY D 136 12.43 -21.22 -26.16
CA GLY D 136 11.75 -21.32 -27.45
C GLY D 136 12.75 -21.20 -28.59
N GLY D 137 12.44 -20.37 -29.56
CA GLY D 137 13.30 -20.21 -30.74
C GLY D 137 14.38 -19.13 -30.63
N ARG D 138 14.54 -18.54 -29.45
CA ARG D 138 15.47 -17.42 -29.29
C ARG D 138 16.92 -17.87 -29.26
N GLU D 139 17.79 -16.98 -29.72
CA GLU D 139 19.23 -17.18 -29.68
C GLU D 139 19.76 -17.23 -28.25
N TRP D 140 19.30 -16.27 -27.44
CA TRP D 140 19.75 -16.08 -26.06
C TRP D 140 18.57 -16.10 -25.09
N LEU D 141 18.84 -16.38 -23.82
CA LEU D 141 17.77 -16.46 -22.82
C LEU D 141 16.98 -15.16 -22.65
N ILE D 142 17.65 -14.02 -22.68
CA ILE D 142 16.99 -12.73 -22.49
C ILE D 142 17.35 -11.76 -23.62
N GLY D 143 16.32 -11.19 -24.24
CA GLY D 143 16.51 -10.20 -25.31
C GLY D 143 17.22 -10.75 -26.53
N ASN D 144 17.95 -9.90 -27.22
CA ASN D 144 18.53 -10.28 -28.52
C ASN D 144 20.05 -10.45 -28.52
N SER D 145 20.64 -10.38 -27.33
CA SER D 145 22.08 -10.55 -27.18
C SER D 145 22.40 -11.28 -25.88
N VAL D 146 23.63 -11.78 -25.79
CA VAL D 146 24.11 -12.52 -24.63
C VAL D 146 24.05 -11.66 -23.36
N THR D 147 23.60 -12.27 -22.26
CA THR D 147 23.66 -11.66 -20.95
C THR D 147 24.37 -12.63 -20.01
N TRP D 148 24.65 -12.18 -18.78
CA TRP D 148 25.27 -13.06 -17.78
C TRP D 148 24.36 -14.21 -17.29
N ALA D 149 23.09 -14.19 -17.67
CA ALA D 149 22.20 -15.34 -17.46
C ALA D 149 22.54 -16.50 -18.41
N ASP D 150 22.95 -16.17 -19.64
CA ASP D 150 23.45 -17.19 -20.56
C ASP D 150 24.75 -17.82 -20.05
N PHE D 151 25.61 -17.00 -19.45
CA PHE D 151 26.85 -17.47 -18.82
C PHE D 151 26.50 -18.42 -17.70
N TYR D 152 25.53 -18.04 -16.88
CA TYR D 152 25.16 -18.83 -15.71
C TYR D 152 24.52 -20.15 -16.09
N TRP D 153 23.78 -20.18 -17.19
CA TRP D 153 23.23 -21.42 -17.69
C TRP D 153 24.32 -22.42 -18.07
N GLU D 154 25.30 -21.94 -18.84
CA GLU D 154 26.43 -22.76 -19.29
C GLU D 154 27.21 -23.30 -18.08
N ILE D 155 27.42 -22.44 -17.09
CA ILE D 155 28.13 -22.79 -15.84
C ILE D 155 27.40 -23.86 -15.03
N CYS D 156 26.11 -23.64 -14.78
CA CYS D 156 25.31 -24.56 -13.98
C CYS D 156 25.14 -25.89 -14.70
N SER D 157 24.88 -25.83 -16.00
CA SER D 157 24.65 -27.02 -16.80
C SER D 157 25.92 -27.89 -16.92
N THR D 158 27.09 -27.24 -17.01
CA THR D 158 28.38 -27.95 -17.00
C THR D 158 28.52 -28.84 -15.76
N THR D 159 28.16 -28.30 -14.60
CA THR D 159 28.26 -29.05 -13.33
C THR D 159 27.21 -30.15 -13.23
N LEU D 160 25.98 -29.85 -13.61
CA LEU D 160 24.90 -30.82 -13.60
C LEU D 160 25.18 -32.01 -14.52
N LEU D 161 25.91 -31.73 -15.61
CA LEU D 161 26.30 -32.76 -16.57
C LEU D 161 27.31 -33.74 -16.01
N VAL D 162 28.13 -33.27 -15.07
CA VAL D 162 29.09 -34.12 -14.36
C VAL D 162 28.35 -35.24 -13.61
N PHE D 163 27.29 -34.87 -12.91
CA PHE D 163 26.48 -35.81 -12.14
C PHE D 163 25.39 -36.52 -12.93
N LYS D 164 24.96 -35.90 -14.04
CA LYS D 164 23.92 -36.50 -14.86
C LYS D 164 24.25 -36.26 -16.33
N PRO D 165 25.10 -37.13 -16.91
CA PRO D 165 25.61 -36.98 -18.27
C PRO D 165 24.54 -36.90 -19.35
N ASP D 166 23.38 -37.51 -19.11
CA ASP D 166 22.29 -37.54 -20.09
C ASP D 166 21.34 -36.34 -19.99
N LEU D 167 21.69 -35.38 -19.13
CA LEU D 167 20.83 -34.23 -18.82
C LEU D 167 20.19 -33.55 -20.03
N LEU D 168 20.98 -33.37 -21.09
CA LEU D 168 20.55 -32.58 -22.24
C LEU D 168 20.44 -33.41 -23.53
N ASP D 169 20.35 -34.73 -23.39
CA ASP D 169 20.30 -35.63 -24.55
C ASP D 169 19.07 -35.37 -25.42
N ASN D 170 18.01 -34.86 -24.80
CA ASN D 170 16.77 -34.53 -25.50
C ASN D 170 16.51 -33.02 -25.54
N HIS D 171 17.54 -32.21 -25.31
CA HIS D 171 17.39 -30.76 -25.37
C HIS D 171 18.49 -30.07 -26.21
N PRO D 172 18.48 -30.34 -27.53
CA PRO D 172 19.50 -29.77 -28.41
C PRO D 172 19.54 -28.23 -28.39
N ARG D 173 18.41 -27.56 -28.15
CA ARG D 173 18.42 -26.08 -28.11
C ARG D 173 19.12 -25.52 -26.87
N LEU D 174 19.14 -26.29 -25.78
CA LEU D 174 19.89 -25.92 -24.58
C LEU D 174 21.36 -26.28 -24.74
N VAL D 175 21.64 -27.31 -25.54
CA VAL D 175 23.01 -27.61 -25.92
C VAL D 175 23.57 -26.49 -26.81
N THR D 176 22.76 -26.03 -27.77
CA THR D 176 23.12 -24.90 -28.64
C THR D 176 23.54 -23.68 -27.83
N LEU D 177 22.76 -23.36 -26.80
CA LEU D 177 23.08 -22.23 -25.92
C LEU D 177 24.44 -22.40 -25.24
N ARG D 178 24.73 -23.60 -24.76
CA ARG D 178 26.05 -23.91 -24.23
C ARG D 178 27.14 -23.65 -25.28
N LYS D 179 26.93 -24.16 -26.50
CA LYS D 179 27.85 -23.95 -27.63
C LYS D 179 28.10 -22.48 -27.88
N LYS D 180 27.03 -21.69 -27.93
CA LYS D 180 27.09 -20.25 -28.20
C LYS D 180 27.92 -19.50 -27.17
N VAL D 181 27.73 -19.82 -25.89
CA VAL D 181 28.51 -19.21 -24.81
C VAL D 181 29.99 -19.62 -24.88
N GLN D 182 30.23 -20.91 -25.09
CA GLN D 182 31.59 -21.45 -25.15
C GLN D 182 32.37 -21.00 -26.39
N ALA D 183 31.66 -20.55 -27.41
CA ALA D 183 32.29 -20.11 -28.65
C ALA D 183 32.64 -18.62 -28.62
N ILE D 184 32.23 -17.92 -27.55
CA ILE D 184 32.70 -16.55 -27.30
C ILE D 184 34.19 -16.62 -26.96
N PRO D 185 35.05 -15.93 -27.75
CA PRO D 185 36.51 -16.06 -27.62
C PRO D 185 37.06 -15.86 -26.20
N ALA D 186 36.62 -14.81 -25.50
CA ALA D 186 37.05 -14.56 -24.12
C ALA D 186 36.67 -15.68 -23.14
N VAL D 187 35.50 -16.28 -23.35
CA VAL D 187 35.04 -17.42 -22.55
C VAL D 187 35.82 -18.70 -22.93
N ALA D 188 35.90 -18.98 -24.23
CA ALA D 188 36.66 -20.13 -24.77
C ALA D 188 38.10 -20.21 -24.26
N ASN D 189 38.76 -19.05 -24.18
CA ASN D 189 40.13 -18.99 -23.68
C ASN D 189 40.21 -19.21 -22.17
N TRP D 190 39.23 -18.67 -21.43
CA TRP D 190 39.15 -18.94 -20.01
C TRP D 190 38.92 -20.42 -19.71
N ILE D 191 37.99 -21.04 -20.44
CA ILE D 191 37.73 -22.48 -20.30
C ILE D 191 39.01 -23.27 -20.56
N LYS D 192 39.78 -22.85 -21.57
CA LYS D 192 41.07 -23.46 -21.88
C LYS D 192 42.08 -23.37 -20.74
N ARG D 193 42.23 -22.18 -20.16
CA ARG D 193 43.29 -21.92 -19.19
C ARG D 193 42.95 -22.29 -17.74
N ARG D 194 41.67 -22.33 -17.41
CA ARG D 194 41.25 -22.55 -16.03
C ARG D 194 41.69 -23.91 -15.47
N PRO D 195 42.03 -23.97 -14.17
CA PRO D 195 42.33 -25.26 -13.53
C PRO D 195 41.21 -26.27 -13.80
N GLN D 196 41.56 -27.45 -14.31
CA GLN D 196 40.58 -28.48 -14.55
C GLN D 196 40.13 -29.11 -13.22
N THR D 197 38.87 -28.89 -12.89
CA THR D 197 38.27 -29.44 -11.68
C THR D 197 36.94 -30.10 -12.02
N LYS D 198 36.48 -30.99 -11.15
CA LYS D 198 35.17 -31.63 -11.31
C LYS D 198 34.05 -30.63 -11.09
N LEU D 199 34.16 -29.87 -10.00
CA LEU D 199 33.17 -28.86 -9.61
C LEU D 199 33.67 -27.44 -9.84
#